data_5L9S
#
_entry.id   5L9S
#
_cell.length_a   48.010
_cell.length_b   118.450
_cell.length_c   121.030
_cell.angle_alpha   90.00
_cell.angle_beta   90.00
_cell.angle_gamma   90.00
#
_symmetry.space_group_name_H-M   'P 21 21 21'
#
loop_
_entity.id
_entity.type
_entity.pdbx_description
1 polymer 'ABC transporter, substrate binding protein (Mannopine)'
2 non-polymer 'ACETATE ION'
3 non-polymer 1,2-ETHANEDIOL
4 water water
#
_entity_poly.entity_id   1
_entity_poly.type   'polypeptide(L)'
_entity_poly.pdbx_seq_one_letter_code
;MEQRVVIATTGGTYEKALREAWFEPFTKATGIKVVTVSGTDAEKRAKVTAMVQTGNVTWDLYLDGEIQAGSDAHFAITED
LSDFCMQFINSTDLLADSCTRGGAKLQSTSTLLAYKLNENGSNPQTWADMWDLAKFPGARSFPNFDDPWRVLAAALLADG
VPREKLFPLDVDRAFRKLDELRDSVQVWWRTGDQSVQAFRNDEYRVGQIWLTRAKALKAEGYKIGWSYDGAFLVGDRIAL
VRGAPNRENALKLIEFWLRNPAAQAKACETLSCTPPSQKAISQMSSEARATLPSAADVENRIIVPDAQWINANMGMLVQR
WNSWIRHHHHHH
;
_entity_poly.pdbx_strand_id   A,B
#
loop_
_chem_comp.id
_chem_comp.type
_chem_comp.name
_chem_comp.formula
ACT non-polymer 'ACETATE ION' 'C2 H3 O2 -1'
EDO non-polymer 1,2-ETHANEDIOL 'C2 H6 O2'
#
# COMPACT_ATOMS: atom_id res chain seq x y z
N MET A 1 -15.70 17.90 47.91
CA MET A 1 -14.47 17.75 48.72
C MET A 1 -14.18 16.26 49.11
N GLU A 2 -14.76 15.32 48.32
CA GLU A 2 -14.67 13.86 48.40
C GLU A 2 -14.89 13.35 46.96
N GLN A 3 -14.19 14.01 46.01
CA GLN A 3 -14.28 13.87 44.57
C GLN A 3 -14.01 12.49 44.02
N ARG A 4 -14.86 12.12 43.06
CA ARG A 4 -14.88 10.85 42.33
C ARG A 4 -15.39 11.03 40.88
N VAL A 5 -15.20 9.97 40.06
CA VAL A 5 -15.64 9.85 38.66
C VAL A 5 -16.13 8.44 38.47
N VAL A 6 -17.31 8.26 37.86
CA VAL A 6 -17.84 6.92 37.57
C VAL A 6 -17.80 6.69 36.06
N ILE A 7 -17.02 5.67 35.64
CA ILE A 7 -16.84 5.28 34.26
C ILE A 7 -17.30 3.83 34.03
N ALA A 8 -18.02 3.58 32.91
CA ALA A 8 -18.46 2.22 32.54
C ALA A 8 -17.64 1.68 31.38
N THR A 9 -17.18 0.42 31.51
CA THR A 9 -16.37 -0.31 30.53
C THR A 9 -16.99 -1.71 30.37
N THR A 10 -16.44 -2.55 29.46
CA THR A 10 -16.88 -3.94 29.25
C THR A 10 -16.35 -4.84 30.38
N GLY A 11 -15.45 -4.30 31.21
CA GLY A 11 -14.85 -4.99 32.34
C GLY A 11 -13.66 -5.84 31.94
N GLY A 12 -13.34 -6.80 32.80
CA GLY A 12 -12.27 -7.76 32.60
C GLY A 12 -10.88 -7.22 32.32
N THR A 13 -10.25 -7.76 31.27
CA THR A 13 -8.89 -7.47 30.80
C THR A 13 -8.75 -6.01 30.35
N TYR A 14 -9.80 -5.50 29.68
CA TYR A 14 -9.90 -4.15 29.16
C TYR A 14 -9.85 -3.15 30.34
N GLU A 15 -10.70 -3.37 31.36
CA GLU A 15 -10.77 -2.56 32.57
C GLU A 15 -9.47 -2.57 33.36
N LYS A 16 -8.83 -3.75 33.48
CA LYS A 16 -7.58 -3.96 34.19
C LYS A 16 -6.46 -3.14 33.59
N ALA A 17 -6.34 -3.14 32.23
CA ALA A 17 -5.34 -2.37 31.49
C ALA A 17 -5.52 -0.84 31.74
N LEU A 18 -6.79 -0.38 31.73
CA LEU A 18 -7.16 1.02 31.98
C LEU A 18 -6.92 1.44 33.42
N ARG A 19 -7.10 0.52 34.37
CA ARG A 19 -6.89 0.82 35.80
C ARG A 19 -5.42 1.10 36.09
N GLU A 20 -4.54 0.25 35.53
CA GLU A 20 -3.09 0.31 35.71
C GLU A 20 -2.45 1.49 34.98
N ALA A 21 -2.90 1.77 33.74
CA ALA A 21 -2.32 2.80 32.90
C ALA A 21 -2.97 4.17 32.98
N TRP A 22 -4.28 4.23 33.34
CA TRP A 22 -5.04 5.46 33.30
C TRP A 22 -5.70 5.87 34.61
N PHE A 23 -6.47 4.98 35.25
CA PHE A 23 -7.22 5.33 36.47
C PHE A 23 -6.37 5.51 37.71
N GLU A 24 -5.54 4.53 38.08
CA GLU A 24 -4.67 4.67 39.25
C GLU A 24 -3.70 5.85 39.07
N PRO A 25 -2.98 6.02 37.92
CA PRO A 25 -2.11 7.22 37.78
C PRO A 25 -2.85 8.55 37.96
N PHE A 26 -4.09 8.64 37.44
CA PHE A 26 -4.96 9.83 37.54
C PHE A 26 -5.25 10.17 38.98
N THR A 27 -5.77 9.18 39.76
CA THR A 27 -6.13 9.24 41.17
C THR A 27 -4.92 9.66 42.00
N LYS A 28 -3.74 9.15 41.64
CA LYS A 28 -2.50 9.47 42.33
C LYS A 28 -2.13 10.93 42.09
N ALA A 29 -2.27 11.41 40.84
CA ALA A 29 -1.95 12.79 40.46
C ALA A 29 -2.97 13.85 40.93
N THR A 30 -4.25 13.49 41.06
CA THR A 30 -5.32 14.44 41.35
C THR A 30 -6.05 14.26 42.69
N GLY A 31 -6.14 13.01 43.17
CA GLY A 31 -6.86 12.70 44.40
C GLY A 31 -8.31 12.30 44.14
N ILE A 32 -8.74 12.40 42.87
CA ILE A 32 -10.07 12.05 42.39
C ILE A 32 -10.12 10.52 42.20
N LYS A 33 -11.06 9.87 42.91
CA LYS A 33 -11.29 8.43 42.87
C LYS A 33 -12.02 8.05 41.57
N VAL A 34 -11.57 6.95 40.94
CA VAL A 34 -12.19 6.44 39.71
C VAL A 34 -12.96 5.16 40.06
N VAL A 35 -14.31 5.25 39.99
CA VAL A 35 -15.26 4.16 40.24
C VAL A 35 -15.59 3.55 38.87
N THR A 36 -15.30 2.24 38.70
CA THR A 36 -15.54 1.52 37.45
C THR A 36 -16.75 0.60 37.51
N VAL A 37 -17.59 0.64 36.46
CA VAL A 37 -18.80 -0.18 36.33
C VAL A 37 -18.65 -1.08 35.08
N SER A 38 -18.97 -2.38 35.21
CA SER A 38 -18.86 -3.32 34.09
C SER A 38 -20.23 -3.72 33.51
N GLY A 39 -20.25 -3.97 32.19
CA GLY A 39 -21.42 -4.40 31.43
C GLY A 39 -21.12 -4.50 29.96
N THR A 40 -22.01 -5.15 29.18
CA THR A 40 -21.85 -5.24 27.73
C THR A 40 -22.17 -3.88 27.10
N ASP A 41 -21.74 -3.66 25.84
CA ASP A 41 -21.99 -2.40 25.12
C ASP A 41 -23.48 -2.12 25.01
N ALA A 42 -24.32 -3.15 24.76
CA ALA A 42 -25.79 -3.02 24.70
C ALA A 42 -26.42 -2.70 26.06
N GLU A 43 -25.90 -3.34 27.13
CA GLU A 43 -26.34 -3.12 28.52
C GLU A 43 -26.06 -1.68 28.93
N LYS A 44 -24.83 -1.19 28.62
CA LYS A 44 -24.35 0.16 28.91
C LYS A 44 -25.20 1.21 28.21
N ARG A 45 -25.45 1.05 26.89
CA ARG A 45 -26.27 1.94 26.07
C ARG A 45 -27.65 2.06 26.68
N ALA A 46 -28.26 0.91 27.05
CA ALA A 46 -29.59 0.83 27.67
C ALA A 46 -29.62 1.41 29.08
N LYS A 47 -28.51 1.26 29.85
CA LYS A 47 -28.42 1.81 31.21
C LYS A 47 -28.27 3.33 31.17
N VAL A 48 -27.55 3.86 30.16
CA VAL A 48 -27.37 5.32 29.98
C VAL A 48 -28.70 5.95 29.56
N THR A 49 -29.36 5.34 28.58
CA THR A 49 -30.65 5.83 28.11
C THR A 49 -31.65 5.95 29.29
N ALA A 50 -31.83 4.85 30.05
CA ALA A 50 -32.75 4.79 31.20
C ALA A 50 -32.45 5.85 32.26
N MET A 51 -31.17 6.09 32.53
CA MET A 51 -30.69 7.10 33.46
C MET A 51 -31.03 8.50 32.97
N VAL A 52 -30.82 8.77 31.65
CA VAL A 52 -31.08 10.05 31.01
C VAL A 52 -32.59 10.38 31.02
N GLN A 53 -33.49 9.39 30.75
CA GLN A 53 -34.96 9.64 30.81
C GLN A 53 -35.42 10.00 32.27
N THR A 54 -34.91 9.27 33.28
CA THR A 54 -35.12 9.57 34.70
C THR A 54 -34.11 10.72 34.95
N GLY A 55 -34.20 11.46 36.04
CA GLY A 55 -33.17 12.48 36.29
C GLY A 55 -31.88 11.88 36.83
N ASN A 56 -31.99 10.68 37.44
CA ASN A 56 -30.98 9.93 38.18
C ASN A 56 -29.80 9.35 37.35
N VAL A 57 -28.86 10.24 37.04
CA VAL A 57 -27.63 9.93 36.34
C VAL A 57 -26.64 9.46 37.38
N THR A 58 -26.26 8.17 37.31
CA THR A 58 -25.31 7.60 38.23
C THR A 58 -23.90 7.70 37.64
N TRP A 59 -23.77 7.47 36.33
CA TRP A 59 -22.53 7.42 35.55
C TRP A 59 -22.13 8.76 34.95
N ASP A 60 -20.82 9.01 34.84
CA ASP A 60 -20.24 10.22 34.27
C ASP A 60 -19.73 9.95 32.85
N LEU A 61 -19.04 8.80 32.68
CA LEU A 61 -18.42 8.39 31.42
C LEU A 61 -18.69 6.94 31.12
N TYR A 62 -18.68 6.59 29.84
CA TYR A 62 -18.77 5.21 29.35
C TYR A 62 -18.03 5.06 28.02
N LEU A 63 -17.54 3.84 27.73
CA LEU A 63 -16.87 3.58 26.47
C LEU A 63 -17.86 2.94 25.49
N ASP A 64 -17.72 3.26 24.21
CA ASP A 64 -18.52 2.66 23.13
C ASP A 64 -17.79 2.80 21.81
N GLY A 65 -18.10 1.95 20.84
CA GLY A 65 -17.51 1.99 19.51
C GLY A 65 -17.72 3.35 18.85
N GLU A 66 -16.75 3.77 18.03
CA GLU A 66 -16.77 5.08 17.39
C GLU A 66 -17.94 5.28 16.40
N ILE A 67 -18.41 4.20 15.78
CA ILE A 67 -19.54 4.25 14.85
C ILE A 67 -20.83 4.45 15.63
N GLN A 68 -20.92 3.86 16.84
CA GLN A 68 -22.11 4.07 17.65
C GLN A 68 -22.04 5.48 18.31
N ALA A 69 -20.83 6.08 18.41
CA ALA A 69 -20.59 7.35 19.07
C ALA A 69 -20.52 8.72 18.24
N GLY A 70 -20.96 8.88 17.00
CA GLY A 70 -21.55 7.97 16.05
C GLY A 70 -22.94 8.43 15.66
N SER A 71 -23.93 7.73 16.20
CA SER A 71 -25.35 7.83 15.91
C SER A 71 -26.07 8.96 16.62
N ASP A 72 -27.26 9.34 16.08
CA ASP A 72 -28.13 10.35 16.66
C ASP A 72 -28.54 9.89 18.06
N ALA A 73 -28.78 8.56 18.22
CA ALA A 73 -29.13 7.90 19.48
C ALA A 73 -28.10 8.23 20.60
N HIS A 74 -26.81 8.14 20.26
CA HIS A 74 -25.67 8.45 21.12
C HIS A 74 -25.69 9.92 21.50
N PHE A 75 -25.90 10.83 20.54
CA PHE A 75 -25.93 12.28 20.79
C PHE A 75 -27.11 12.72 21.68
N ALA A 76 -28.17 11.91 21.73
CA ALA A 76 -29.37 12.18 22.53
C ALA A 76 -29.14 11.91 24.01
N ILE A 77 -28.24 10.96 24.35
CA ILE A 77 -27.95 10.52 25.72
C ILE A 77 -26.57 11.00 26.21
N THR A 78 -25.78 11.66 25.34
CA THR A 78 -24.44 12.14 25.67
C THR A 78 -24.32 13.63 25.44
N GLU A 79 -23.30 14.23 26.08
CA GLU A 79 -22.99 15.64 25.92
C GLU A 79 -22.18 15.87 24.67
N ASP A 80 -22.35 17.03 24.02
CA ASP A 80 -21.60 17.42 22.83
C ASP A 80 -20.23 17.93 23.32
N LEU A 81 -19.18 17.16 23.01
CA LEU A 81 -17.82 17.47 23.44
C LEU A 81 -17.11 18.52 22.58
N SER A 82 -17.66 18.85 21.39
CA SER A 82 -17.14 19.82 20.40
C SER A 82 -16.45 21.06 20.99
N ASP A 83 -17.06 21.71 22.00
CA ASP A 83 -16.45 22.87 22.68
C ASP A 83 -15.15 22.47 23.41
N PHE A 84 -15.21 21.42 24.25
CA PHE A 84 -14.08 20.87 25.01
C PHE A 84 -12.91 20.41 24.11
N CYS A 85 -13.26 19.84 22.96
CA CYS A 85 -12.40 19.29 21.92
C CYS A 85 -11.41 20.27 21.31
N MET A 86 -11.78 21.56 21.26
CA MET A 86 -11.01 22.67 20.69
C MET A 86 -9.63 22.82 21.31
N GLN A 87 -9.52 22.57 22.64
CA GLN A 87 -8.29 22.66 23.42
C GLN A 87 -7.19 21.67 22.99
N PHE A 88 -7.53 20.67 22.17
CA PHE A 88 -6.57 19.68 21.70
C PHE A 88 -6.03 19.98 20.28
N ILE A 89 -6.08 21.28 19.88
CA ILE A 89 -5.56 21.80 18.59
C ILE A 89 -4.40 22.81 18.93
N ASN A 90 -3.66 22.46 19.99
CA ASN A 90 -2.47 23.08 20.54
C ASN A 90 -1.31 22.15 20.14
N SER A 91 -1.68 20.91 19.77
CA SER A 91 -0.82 19.83 19.35
C SER A 91 -1.40 19.14 18.11
N THR A 92 -0.50 18.60 17.28
CA THR A 92 -0.82 17.80 16.12
C THR A 92 -0.38 16.37 16.43
N ASP A 93 -0.06 16.09 17.74
CA ASP A 93 0.33 14.78 18.29
C ASP A 93 -0.81 13.82 18.10
N LEU A 94 -2.02 14.23 18.46
CA LEU A 94 -3.18 13.36 18.32
C LEU A 94 -3.55 13.20 16.84
N LEU A 95 -3.81 11.95 16.46
CA LEU A 95 -4.23 11.50 15.14
C LEU A 95 -5.61 12.11 14.86
N ALA A 96 -6.00 12.21 13.57
CA ALA A 96 -7.28 12.82 13.19
C ALA A 96 -8.52 12.22 13.87
N ASP A 97 -9.50 13.10 14.19
CA ASP A 97 -10.79 12.77 14.80
C ASP A 97 -10.66 12.15 16.21
N SER A 98 -9.57 12.47 16.91
CA SER A 98 -9.33 12.02 18.29
C SER A 98 -10.31 12.62 19.30
N CYS A 99 -11.00 13.70 18.94
CA CYS A 99 -11.96 14.36 19.82
C CYS A 99 -13.12 14.91 18.98
N THR A 100 -14.26 14.22 19.03
CA THR A 100 -15.46 14.61 18.29
C THR A 100 -16.64 14.91 19.21
N ARG A 101 -17.80 15.19 18.61
CA ARG A 101 -19.06 15.48 19.30
C ARG A 101 -19.42 14.37 20.30
N GLY A 102 -19.32 13.13 19.86
CA GLY A 102 -19.68 11.94 20.63
C GLY A 102 -18.68 11.46 21.66
N GLY A 103 -17.44 11.95 21.58
CA GLY A 103 -16.43 11.55 22.55
C GLY A 103 -14.99 11.59 22.07
N ALA A 104 -14.06 11.27 23.00
CA ALA A 104 -12.62 11.26 22.77
C ALA A 104 -12.18 9.87 22.38
N LYS A 105 -11.21 9.74 21.45
CA LYS A 105 -10.72 8.42 21.07
C LYS A 105 -9.89 7.84 22.22
N LEU A 106 -10.19 6.59 22.58
CA LEU A 106 -9.41 5.90 23.61
C LEU A 106 -8.33 5.12 22.89
N GLN A 107 -8.73 4.18 22.03
CA GLN A 107 -7.79 3.33 21.29
C GLN A 107 -8.50 2.78 20.05
N SER A 108 -7.72 2.33 19.05
CA SER A 108 -8.31 1.76 17.82
C SER A 108 -7.73 0.38 17.49
N THR A 109 -8.53 -0.41 16.83
CA THR A 109 -8.17 -1.76 16.50
C THR A 109 -8.25 -1.88 14.99
N SER A 110 -7.44 -2.78 14.44
CA SER A 110 -7.38 -2.99 13.01
C SER A 110 -8.09 -4.26 12.56
N THR A 111 -8.69 -4.18 11.38
CA THR A 111 -9.32 -5.29 10.65
C THR A 111 -8.55 -5.20 9.35
N LEU A 112 -7.78 -6.22 9.05
CA LEU A 112 -6.92 -6.17 7.89
C LEU A 112 -6.82 -7.48 7.14
N LEU A 113 -6.04 -7.45 6.07
CA LEU A 113 -5.73 -8.56 5.22
C LEU A 113 -4.61 -9.35 5.89
N ALA A 114 -4.91 -10.60 6.21
CA ALA A 114 -3.97 -11.52 6.80
C ALA A 114 -3.93 -12.74 5.87
N TYR A 115 -2.76 -13.40 5.81
CA TYR A 115 -2.52 -14.54 4.92
C TYR A 115 -1.57 -15.58 5.54
N LYS A 116 -1.65 -16.84 5.05
CA LYS A 116 -0.69 -17.88 5.44
C LYS A 116 0.53 -17.68 4.55
N LEU A 117 1.73 -17.68 5.12
CA LEU A 117 2.96 -17.49 4.35
C LEU A 117 3.18 -18.68 3.41
N ASN A 118 3.33 -18.39 2.11
CA ASN A 118 3.57 -19.46 1.17
C ASN A 118 5.06 -19.58 0.92
N GLU A 119 5.50 -20.80 0.54
CA GLU A 119 6.90 -21.20 0.35
C GLU A 119 7.71 -20.31 -0.61
N ASN A 120 7.12 -19.87 -1.74
CA ASN A 120 7.83 -19.04 -2.72
C ASN A 120 8.06 -17.58 -2.22
N GLY A 121 7.29 -17.16 -1.22
CA GLY A 121 7.42 -15.84 -0.62
C GLY A 121 6.52 -14.79 -1.22
N SER A 122 5.62 -15.19 -2.14
CA SER A 122 4.67 -14.29 -2.80
C SER A 122 3.34 -14.29 -2.05
N ASN A 123 3.12 -13.24 -1.24
CA ASN A 123 1.91 -13.13 -0.45
C ASN A 123 1.04 -11.93 -0.86
N PRO A 124 -0.30 -11.98 -0.65
CA PRO A 124 -1.14 -10.84 -1.05
C PRO A 124 -0.90 -9.63 -0.16
N GLN A 125 -0.83 -8.43 -0.75
CA GLN A 125 -0.54 -7.23 0.04
C GLN A 125 -1.67 -6.18 0.03
N THR A 126 -2.64 -6.31 -0.89
CA THR A 126 -3.76 -5.39 -1.01
C THR A 126 -5.07 -6.15 -1.10
N TRP A 127 -6.19 -5.44 -0.99
CA TRP A 127 -7.51 -6.03 -1.16
C TRP A 127 -7.67 -6.56 -2.62
N ALA A 128 -7.00 -5.90 -3.60
CA ALA A 128 -7.01 -6.33 -5.00
C ALA A 128 -6.37 -7.71 -5.12
N ASP A 129 -5.33 -7.99 -4.31
CA ASP A 129 -4.66 -9.28 -4.31
C ASP A 129 -5.56 -10.37 -3.72
N MET A 130 -6.42 -10.00 -2.73
CA MET A 130 -7.40 -10.95 -2.14
C MET A 130 -8.35 -11.45 -3.24
N TRP A 131 -8.63 -10.60 -4.24
CA TRP A 131 -9.48 -10.96 -5.38
C TRP A 131 -8.71 -11.62 -6.53
N ASP A 132 -7.37 -11.70 -6.42
CA ASP A 132 -6.49 -12.26 -7.45
C ASP A 132 -6.15 -13.72 -7.15
N LEU A 133 -7.07 -14.63 -7.51
CA LEU A 133 -6.95 -16.09 -7.29
C LEU A 133 -5.91 -16.74 -8.18
N ALA A 134 -5.60 -16.10 -9.34
CA ALA A 134 -4.57 -16.54 -10.26
C ALA A 134 -3.19 -16.54 -9.55
N LYS A 135 -2.73 -15.36 -9.07
CA LYS A 135 -1.45 -15.16 -8.41
C LYS A 135 -1.43 -15.67 -6.98
N PHE A 136 -2.58 -15.56 -6.31
CA PHE A 136 -2.68 -15.98 -4.92
C PHE A 136 -3.83 -16.96 -4.76
N PRO A 137 -3.58 -18.27 -4.95
CA PRO A 137 -4.68 -19.23 -4.80
C PRO A 137 -4.95 -19.59 -3.34
N GLY A 138 -6.04 -20.33 -3.14
CA GLY A 138 -6.51 -20.76 -1.83
C GLY A 138 -7.90 -20.26 -1.47
N ALA A 139 -8.34 -20.65 -0.29
CA ALA A 139 -9.64 -20.30 0.25
C ALA A 139 -9.59 -18.92 0.92
N ARG A 140 -10.65 -18.08 0.69
CA ARG A 140 -10.74 -16.77 1.34
C ARG A 140 -11.62 -16.85 2.59
N SER A 141 -11.53 -15.85 3.43
CA SER A 141 -12.32 -15.73 4.66
C SER A 141 -12.69 -14.28 4.91
N PHE A 142 -13.96 -14.04 5.22
CA PHE A 142 -14.44 -12.70 5.55
C PHE A 142 -15.31 -12.81 6.76
N PRO A 143 -15.43 -11.76 7.63
CA PRO A 143 -16.39 -11.86 8.73
C PRO A 143 -17.83 -11.86 8.23
N ASN A 144 -18.66 -12.54 8.96
CA ASN A 144 -20.08 -12.59 8.71
C ASN A 144 -20.82 -12.25 9.99
N PHE A 145 -20.68 -10.98 10.35
CA PHE A 145 -21.42 -10.37 11.44
C PHE A 145 -22.30 -9.35 10.75
N ASP A 146 -23.37 -8.91 11.42
CA ASP A 146 -24.46 -8.08 10.92
C ASP A 146 -24.05 -6.83 10.09
N ASP A 147 -22.96 -6.11 10.42
CA ASP A 147 -22.63 -4.99 9.53
C ASP A 147 -21.52 -5.38 8.54
N PRO A 148 -21.82 -5.29 7.23
CA PRO A 148 -20.82 -5.66 6.21
C PRO A 148 -19.95 -4.53 5.65
N TRP A 149 -20.06 -3.30 6.20
CA TRP A 149 -19.40 -2.14 5.59
C TRP A 149 -17.91 -2.35 5.26
N ARG A 150 -17.14 -3.07 6.13
CA ARG A 150 -15.72 -3.34 5.92
C ARG A 150 -15.51 -4.37 4.81
N VAL A 151 -16.43 -5.31 4.65
CA VAL A 151 -16.36 -6.33 3.60
C VAL A 151 -16.63 -5.63 2.24
N LEU A 152 -17.64 -4.74 2.20
CA LEU A 152 -18.04 -3.92 1.06
C LEU A 152 -16.95 -2.93 0.65
N ALA A 153 -16.38 -2.20 1.65
CA ALA A 153 -15.25 -1.29 1.44
C ALA A 153 -13.98 -2.03 0.95
N ALA A 154 -13.71 -3.28 1.43
CA ALA A 154 -12.57 -4.09 0.93
C ALA A 154 -12.79 -4.41 -0.55
N ALA A 155 -14.05 -4.72 -0.95
CA ALA A 155 -14.44 -5.04 -2.32
C ALA A 155 -14.22 -3.86 -3.23
N LEU A 156 -14.63 -2.67 -2.76
CA LEU A 156 -14.47 -1.40 -3.49
C LEU A 156 -12.99 -1.04 -3.71
N LEU A 157 -12.15 -1.19 -2.67
CA LEU A 157 -10.71 -0.92 -2.76
C LEU A 157 -10.02 -1.89 -3.72
N ALA A 158 -10.50 -3.16 -3.74
CA ALA A 158 -10.06 -4.25 -4.62
C ALA A 158 -10.44 -3.93 -6.03
N ASP A 159 -11.60 -3.27 -6.22
CA ASP A 159 -12.13 -2.84 -7.52
C ASP A 159 -11.49 -1.53 -8.05
N GLY A 160 -10.50 -0.99 -7.33
CA GLY A 160 -9.76 0.19 -7.76
C GLY A 160 -10.22 1.54 -7.27
N VAL A 161 -11.16 1.59 -6.32
CA VAL A 161 -11.63 2.85 -5.74
C VAL A 161 -10.53 3.36 -4.77
N PRO A 162 -10.01 4.60 -4.98
CA PRO A 162 -9.00 5.14 -4.04
C PRO A 162 -9.62 5.44 -2.70
N ARG A 163 -8.87 5.28 -1.60
CA ARG A 163 -9.38 5.45 -0.23
C ARG A 163 -10.02 6.82 0.05
N GLU A 164 -9.52 7.88 -0.59
CA GLU A 164 -10.02 9.26 -0.45
C GLU A 164 -11.44 9.41 -1.08
N LYS A 165 -11.74 8.60 -2.10
CA LYS A 165 -13.00 8.57 -2.82
C LYS A 165 -13.91 7.39 -2.38
N LEU A 166 -13.54 6.67 -1.30
CA LEU A 166 -14.24 5.49 -0.79
C LEU A 166 -15.65 5.78 -0.31
N PHE A 167 -15.82 6.79 0.58
CA PHE A 167 -17.14 7.17 1.12
C PHE A 167 -17.73 8.36 0.35
N PRO A 168 -19.04 8.34 -0.08
CA PRO A 168 -20.07 7.31 0.12
C PRO A 168 -19.85 5.99 -0.64
N LEU A 169 -20.08 4.83 0.03
CA LEU A 169 -19.88 3.51 -0.56
C LEU A 169 -20.87 3.20 -1.67
N ASP A 170 -20.33 2.78 -2.83
CA ASP A 170 -21.11 2.35 -4.01
C ASP A 170 -21.49 0.88 -3.73
N VAL A 171 -22.59 0.68 -2.98
CA VAL A 171 -23.09 -0.61 -2.50
C VAL A 171 -23.40 -1.60 -3.65
N ASP A 172 -23.91 -1.08 -4.77
CA ASP A 172 -24.20 -1.90 -5.96
C ASP A 172 -22.93 -2.49 -6.55
N ARG A 173 -21.86 -1.67 -6.66
CA ARG A 173 -20.56 -2.06 -7.18
C ARG A 173 -19.87 -3.03 -6.21
N ALA A 174 -19.88 -2.72 -4.89
CA ALA A 174 -19.29 -3.55 -3.85
C ALA A 174 -19.82 -5.00 -3.87
N PHE A 175 -21.15 -5.18 -4.08
CA PHE A 175 -21.78 -6.49 -4.18
C PHE A 175 -21.44 -7.21 -5.47
N ARG A 176 -21.28 -6.44 -6.58
CA ARG A 176 -20.89 -6.93 -7.91
C ARG A 176 -19.48 -7.56 -7.79
N LYS A 177 -18.55 -6.85 -7.10
CA LYS A 177 -17.18 -7.31 -6.87
C LYS A 177 -17.16 -8.56 -5.97
N LEU A 178 -17.97 -8.56 -4.86
CA LEU A 178 -18.08 -9.70 -3.94
C LEU A 178 -18.51 -10.98 -4.60
N ASP A 179 -19.41 -10.90 -5.61
CA ASP A 179 -19.92 -12.05 -6.38
C ASP A 179 -18.80 -12.79 -7.12
N GLU A 180 -17.78 -12.04 -7.63
CA GLU A 180 -16.62 -12.59 -8.33
C GLU A 180 -15.79 -13.50 -7.40
N LEU A 181 -15.75 -13.16 -6.10
CA LEU A 181 -14.95 -13.87 -5.11
C LEU A 181 -15.72 -14.93 -4.30
N ARG A 182 -17.04 -14.74 -4.11
CA ARG A 182 -17.96 -15.49 -3.24
C ARG A 182 -17.79 -17.05 -3.27
N ASP A 183 -17.42 -17.68 -4.43
CA ASP A 183 -17.19 -19.13 -4.54
C ASP A 183 -15.91 -19.61 -3.82
N SER A 184 -14.92 -18.72 -3.70
CA SER A 184 -13.64 -18.95 -3.03
C SER A 184 -13.70 -18.77 -1.49
N VAL A 185 -14.74 -18.07 -0.99
CA VAL A 185 -14.93 -17.81 0.44
C VAL A 185 -15.47 -19.05 1.14
N GLN A 186 -14.57 -19.82 1.77
CA GLN A 186 -14.91 -21.07 2.47
C GLN A 186 -15.25 -20.82 3.94
N VAL A 187 -14.78 -19.68 4.49
CA VAL A 187 -14.99 -19.31 5.89
C VAL A 187 -15.69 -17.95 6.01
N TRP A 188 -16.84 -17.94 6.67
CA TRP A 188 -17.60 -16.74 6.99
C TRP A 188 -17.63 -16.70 8.50
N TRP A 189 -16.56 -16.21 9.11
CA TRP A 189 -16.40 -16.18 10.56
C TRP A 189 -17.31 -15.15 11.29
N ARG A 190 -17.99 -15.61 12.33
CA ARG A 190 -18.86 -14.74 13.12
C ARG A 190 -18.13 -14.24 14.36
N THR A 191 -17.20 -15.06 14.87
CA THR A 191 -16.37 -14.85 16.06
C THR A 191 -14.87 -14.84 15.69
N GLY A 192 -14.06 -14.19 16.53
CA GLY A 192 -12.61 -14.19 16.43
C GLY A 192 -12.07 -15.60 16.59
N ASP A 193 -12.68 -16.39 17.49
CA ASP A 193 -12.31 -17.79 17.72
C ASP A 193 -12.41 -18.64 16.46
N GLN A 194 -13.49 -18.45 15.67
CA GLN A 194 -13.75 -19.17 14.41
C GLN A 194 -12.68 -18.90 13.35
N SER A 195 -12.27 -17.60 13.20
CA SER A 195 -11.24 -17.17 12.25
C SER A 195 -9.85 -17.67 12.67
N VAL A 196 -9.66 -17.89 13.97
CA VAL A 196 -8.44 -18.41 14.59
C VAL A 196 -8.42 -19.94 14.41
N GLN A 197 -9.55 -20.64 14.67
CA GLN A 197 -9.69 -22.09 14.51
C GLN A 197 -9.48 -22.45 13.03
N ALA A 198 -10.18 -21.72 12.13
CA ALA A 198 -10.14 -21.92 10.69
C ALA A 198 -8.72 -21.79 10.13
N PHE A 199 -7.93 -20.85 10.67
CA PHE A 199 -6.55 -20.69 10.26
C PHE A 199 -5.69 -21.87 10.76
N ARG A 200 -5.86 -22.28 12.05
CA ARG A 200 -5.16 -23.41 12.66
C ARG A 200 -5.38 -24.69 11.87
N ASN A 201 -6.62 -24.91 11.41
CA ASN A 201 -7.04 -26.09 10.65
C ASN A 201 -6.74 -25.96 9.15
N ASP A 202 -6.23 -24.79 8.73
CA ASP A 202 -5.88 -24.44 7.36
C ASP A 202 -7.11 -24.45 6.44
N GLU A 203 -8.23 -23.88 6.93
CA GLU A 203 -9.50 -23.76 6.21
C GLU A 203 -9.51 -22.55 5.23
N TYR A 204 -8.53 -21.65 5.40
CA TYR A 204 -8.31 -20.48 4.55
C TYR A 204 -6.86 -20.08 4.60
N ARG A 205 -6.43 -19.43 3.50
CA ARG A 205 -5.06 -18.95 3.28
C ARG A 205 -4.98 -17.41 3.11
N VAL A 206 -6.11 -16.76 2.77
CA VAL A 206 -6.20 -15.30 2.61
C VAL A 206 -7.52 -14.83 3.24
N GLY A 207 -7.46 -13.89 4.18
CA GLY A 207 -8.68 -13.42 4.84
C GLY A 207 -8.64 -12.06 5.48
N GLN A 208 -9.83 -11.53 5.77
CA GLN A 208 -10.00 -10.27 6.46
C GLN A 208 -10.29 -10.67 7.90
N ILE A 209 -9.31 -10.46 8.79
CA ILE A 209 -9.46 -10.82 10.21
C ILE A 209 -9.03 -9.66 11.11
N TRP A 210 -9.20 -9.78 12.44
CA TRP A 210 -8.77 -8.74 13.36
C TRP A 210 -7.26 -8.89 13.61
N LEU A 211 -6.52 -7.77 13.64
CA LEU A 211 -5.09 -7.76 13.97
C LEU A 211 -4.80 -8.48 15.30
N THR A 212 -5.67 -8.34 16.29
CA THR A 212 -5.58 -8.99 17.61
C THR A 212 -5.48 -10.52 17.48
N ARG A 213 -6.35 -11.10 16.63
CA ARG A 213 -6.39 -12.54 16.39
C ARG A 213 -5.22 -13.01 15.50
N ALA A 214 -4.73 -12.16 14.56
CA ALA A 214 -3.57 -12.46 13.71
C ALA A 214 -2.31 -12.48 14.55
N LYS A 215 -2.18 -11.54 15.50
CA LYS A 215 -1.08 -11.42 16.47
C LYS A 215 -0.97 -12.66 17.32
N ALA A 216 -2.13 -13.15 17.81
CA ALA A 216 -2.25 -14.35 18.66
C ALA A 216 -1.80 -15.59 17.91
N LEU A 217 -2.13 -15.71 16.60
CA LEU A 217 -1.70 -16.83 15.76
C LEU A 217 -0.19 -16.84 15.54
N LYS A 218 0.42 -15.65 15.31
CA LYS A 218 1.87 -15.48 15.11
C LYS A 218 2.60 -15.85 16.39
N ALA A 219 2.03 -15.46 17.56
CA ALA A 219 2.57 -15.75 18.89
C ALA A 219 2.50 -17.24 19.21
N GLU A 220 1.51 -17.98 18.62
CA GLU A 220 1.33 -19.44 18.77
C GLU A 220 2.29 -20.20 17.85
N GLY A 221 2.99 -19.48 16.97
CA GLY A 221 4.00 -20.06 16.08
C GLY A 221 3.54 -20.27 14.66
N TYR A 222 2.30 -19.84 14.33
CA TYR A 222 1.78 -19.99 12.98
C TYR A 222 2.44 -19.04 11.96
N LYS A 223 2.60 -19.56 10.75
CA LYS A 223 3.17 -18.93 9.57
C LYS A 223 2.14 -17.98 8.96
N ILE A 224 1.84 -16.88 9.68
CA ILE A 224 0.89 -15.86 9.31
C ILE A 224 1.58 -14.51 9.14
N GLY A 225 1.09 -13.77 8.16
CA GLY A 225 1.51 -12.41 7.88
C GLY A 225 0.28 -11.53 7.72
N TRP A 226 0.48 -10.23 7.63
CA TRP A 226 -0.61 -9.31 7.39
C TRP A 226 -0.12 -8.07 6.70
N SER A 227 -1.06 -7.32 6.11
CA SER A 227 -0.74 -6.07 5.44
C SER A 227 -1.58 -4.88 5.99
N TYR A 228 -0.95 -3.71 6.18
CA TYR A 228 -1.65 -2.49 6.65
C TYR A 228 -2.26 -1.69 5.53
N ASP A 229 -2.06 -2.11 4.27
CA ASP A 229 -2.60 -1.44 3.10
C ASP A 229 -4.12 -1.68 3.07
N GLY A 230 -4.87 -0.57 3.21
CA GLY A 230 -6.33 -0.56 3.27
C GLY A 230 -6.90 -1.18 4.53
N ALA A 231 -6.08 -1.28 5.61
CA ALA A 231 -6.56 -1.81 6.89
C ALA A 231 -7.61 -0.87 7.48
N PHE A 232 -8.62 -1.43 8.13
CA PHE A 232 -9.67 -0.63 8.75
C PHE A 232 -9.37 -0.38 10.23
N LEU A 233 -9.10 0.89 10.57
CA LEU A 233 -8.80 1.31 11.95
C LEU A 233 -10.03 1.86 12.61
N VAL A 234 -10.66 1.05 13.47
CA VAL A 234 -11.91 1.38 14.15
C VAL A 234 -11.69 1.24 15.64
N GLY A 235 -12.09 2.25 16.38
CA GLY A 235 -11.93 2.18 17.82
C GLY A 235 -13.13 2.57 18.67
N ASP A 236 -12.82 2.80 19.95
CA ASP A 236 -13.75 3.17 21.01
C ASP A 236 -13.58 4.61 21.38
N ARG A 237 -14.66 5.24 21.76
CA ARG A 237 -14.69 6.62 22.24
C ARG A 237 -15.09 6.68 23.71
N ILE A 238 -14.55 7.68 24.47
CA ILE A 238 -14.89 7.96 25.88
C ILE A 238 -16.00 9.00 25.76
N ALA A 239 -17.23 8.64 26.13
CA ALA A 239 -18.36 9.58 26.05
C ALA A 239 -18.79 10.07 27.43
N LEU A 240 -19.22 11.34 27.49
CA LEU A 240 -19.69 12.03 28.70
C LEU A 240 -21.22 11.97 28.74
N VAL A 241 -21.77 11.27 29.76
CA VAL A 241 -23.20 11.05 29.99
C VAL A 241 -23.92 12.37 30.22
N ARG A 242 -25.05 12.56 29.50
CA ARG A 242 -25.87 13.76 29.56
C ARG A 242 -26.15 14.19 30.99
N GLY A 243 -25.52 15.30 31.37
CA GLY A 243 -25.62 15.89 32.70
C GLY A 243 -25.02 15.02 33.78
N ALA A 244 -23.78 14.54 33.55
CA ALA A 244 -23.07 13.69 34.49
C ALA A 244 -22.96 14.35 35.88
N PRO A 245 -23.05 13.59 37.01
CA PRO A 245 -22.94 14.25 38.33
C PRO A 245 -21.62 14.99 38.58
N ASN A 246 -20.49 14.36 38.19
CA ASN A 246 -19.12 14.86 38.32
C ASN A 246 -18.54 15.23 36.93
N ARG A 247 -19.27 16.05 36.17
CA ARG A 247 -18.96 16.53 34.81
C ARG A 247 -17.51 17.04 34.65
N GLU A 248 -17.09 17.96 35.54
CA GLU A 248 -15.78 18.61 35.57
C GLU A 248 -14.65 17.60 35.75
N ASN A 249 -14.80 16.71 36.75
CA ASN A 249 -13.86 15.66 37.10
C ASN A 249 -13.75 14.64 36.00
N ALA A 250 -14.88 14.35 35.31
CA ALA A 250 -14.94 13.40 34.20
C ALA A 250 -14.13 13.92 33.02
N LEU A 251 -14.18 15.25 32.78
CA LEU A 251 -13.42 15.89 31.69
C LEU A 251 -11.90 15.99 31.99
N LYS A 252 -11.53 15.99 33.30
CA LYS A 252 -10.14 16.01 33.77
C LYS A 252 -9.53 14.63 33.49
N LEU A 253 -10.36 13.57 33.64
CA LEU A 253 -9.99 12.18 33.39
C LEU A 253 -9.76 11.96 31.90
N ILE A 254 -10.60 12.61 31.05
CA ILE A 254 -10.47 12.57 29.59
C ILE A 254 -9.17 13.27 29.16
N GLU A 255 -8.97 14.53 29.62
CA GLU A 255 -7.79 15.37 29.34
C GLU A 255 -6.52 14.63 29.75
N PHE A 256 -6.56 13.92 30.92
CA PHE A 256 -5.46 13.12 31.45
C PHE A 256 -4.99 12.09 30.43
N TRP A 257 -5.95 11.38 29.81
CA TRP A 257 -5.70 10.35 28.80
C TRP A 257 -5.13 10.96 27.53
N LEU A 258 -5.83 11.96 26.95
CA LEU A 258 -5.40 12.57 25.69
C LEU A 258 -4.01 13.23 25.74
N ARG A 259 -3.66 13.82 26.90
CA ARG A 259 -2.39 14.52 27.08
C ARG A 259 -1.27 13.65 27.63
N ASN A 260 -1.52 12.35 27.91
CA ASN A 260 -0.51 11.44 28.46
C ASN A 260 -0.09 10.30 27.51
N PRO A 261 0.96 10.50 26.66
CA PRO A 261 1.38 9.41 25.75
C PRO A 261 1.85 8.14 26.47
N ALA A 262 2.41 8.27 27.70
CA ALA A 262 2.90 7.15 28.52
C ALA A 262 1.76 6.25 28.96
N ALA A 263 0.64 6.87 29.38
CA ALA A 263 -0.60 6.20 29.81
C ALA A 263 -1.17 5.41 28.62
N GLN A 264 -1.33 6.09 27.47
CA GLN A 264 -1.83 5.50 26.21
C GLN A 264 -0.97 4.33 25.73
N ALA A 265 0.37 4.48 25.73
CA ALA A 265 1.32 3.47 25.27
C ALA A 265 1.30 2.24 26.20
N LYS A 266 1.22 2.46 27.53
CA LYS A 266 1.17 1.36 28.50
C LYS A 266 -0.13 0.55 28.28
N ALA A 267 -1.29 1.24 28.21
CA ALA A 267 -2.58 0.59 27.97
C ALA A 267 -2.62 -0.13 26.61
N CYS A 268 -2.04 0.47 25.56
CA CYS A 268 -2.06 -0.16 24.24
C CYS A 268 -0.97 -1.24 24.03
N GLU A 269 0.06 -1.31 24.92
CA GLU A 269 1.04 -2.41 24.88
C GLU A 269 0.30 -3.67 25.39
N THR A 270 -0.46 -3.51 26.49
CA THR A 270 -1.27 -4.53 27.15
C THR A 270 -2.36 -5.08 26.22
N LEU A 271 -3.10 -4.16 25.55
CA LEU A 271 -4.26 -4.49 24.73
C LEU A 271 -4.00 -4.68 23.22
N SER A 272 -2.78 -4.35 22.70
CA SER A 272 -2.42 -4.50 21.27
C SER A 272 -3.30 -3.65 20.35
N CYS A 273 -3.41 -2.36 20.68
CA CYS A 273 -4.21 -1.41 19.92
C CYS A 273 -3.39 -0.22 19.56
N THR A 274 -3.94 0.63 18.67
CA THR A 274 -3.33 1.87 18.21
C THR A 274 -3.85 3.03 19.07
N PRO A 275 -2.99 3.69 19.88
CA PRO A 275 -3.47 4.84 20.66
C PRO A 275 -3.65 6.09 19.78
N PRO A 276 -4.47 7.11 20.19
CA PRO A 276 -4.65 8.29 19.33
C PRO A 276 -3.42 9.22 19.20
N SER A 277 -2.45 9.11 20.11
CA SER A 277 -1.24 9.92 20.13
C SER A 277 -0.16 9.29 19.24
N GLN A 278 0.48 10.11 18.41
CA GLN A 278 1.58 9.68 17.54
C GLN A 278 2.84 9.38 18.37
N LYS A 279 3.04 10.12 19.49
CA LYS A 279 4.13 9.94 20.42
C LYS A 279 3.97 8.61 21.12
N ALA A 280 2.74 8.25 21.55
CA ALA A 280 2.42 6.99 22.22
C ALA A 280 2.72 5.79 21.31
N ILE A 281 2.35 5.87 19.99
CA ILE A 281 2.64 4.83 19.00
C ILE A 281 4.14 4.52 18.96
N SER A 282 4.97 5.55 18.84
CA SER A 282 6.43 5.41 18.75
C SER A 282 7.09 5.04 20.09
N GLN A 283 6.47 5.41 21.21
CA GLN A 283 6.92 5.18 22.58
C GLN A 283 6.73 3.74 23.06
N MET A 284 5.93 2.94 22.32
CA MET A 284 5.67 1.55 22.71
C MET A 284 6.89 0.67 22.56
N SER A 285 6.98 -0.44 23.34
CA SER A 285 8.09 -1.40 23.28
C SER A 285 8.29 -1.90 21.86
N SER A 286 9.53 -2.24 21.49
CA SER A 286 9.85 -2.72 20.15
C SER A 286 8.97 -3.90 19.71
N GLU A 287 8.77 -4.86 20.62
CA GLU A 287 7.97 -6.07 20.43
C GLU A 287 6.51 -5.75 20.13
N ALA A 288 5.95 -4.72 20.81
CA ALA A 288 4.58 -4.28 20.62
C ALA A 288 4.49 -3.57 19.26
N ARG A 289 5.37 -2.58 19.03
CA ARG A 289 5.47 -1.82 17.78
C ARG A 289 5.57 -2.69 16.52
N ALA A 290 6.31 -3.80 16.61
CA ALA A 290 6.53 -4.79 15.55
C ALA A 290 5.22 -5.37 14.96
N THR A 291 4.16 -5.49 15.78
CA THR A 291 2.91 -6.06 15.34
C THR A 291 1.79 -5.01 15.20
N LEU A 292 2.13 -3.72 15.10
CA LEU A 292 1.12 -2.65 15.01
C LEU A 292 1.45 -1.68 13.90
N PRO A 293 0.45 -1.00 13.27
CA PRO A 293 0.81 -0.04 12.21
C PRO A 293 1.56 1.16 12.79
N SER A 294 2.44 1.74 11.99
CA SER A 294 3.18 2.93 12.41
C SER A 294 2.24 4.14 12.27
N ALA A 295 2.66 5.35 12.70
CA ALA A 295 1.88 6.55 12.50
C ALA A 295 1.77 6.89 10.97
N ALA A 296 2.82 6.62 10.17
CA ALA A 296 2.77 6.84 8.70
C ALA A 296 1.78 5.86 8.00
N ASP A 297 1.61 4.61 8.53
CA ASP A 297 0.64 3.66 7.97
C ASP A 297 -0.75 4.22 8.21
N VAL A 298 -1.02 4.70 9.45
CA VAL A 298 -2.30 5.30 9.85
C VAL A 298 -2.65 6.53 8.95
N GLU A 299 -1.71 7.44 8.67
CA GLU A 299 -2.04 8.60 7.83
C GLU A 299 -2.02 8.34 6.32
N ASN A 300 -1.23 7.38 5.83
CA ASN A 300 -1.10 7.15 4.39
C ASN A 300 -1.74 5.91 3.77
N ARG A 301 -2.07 4.86 4.55
CA ARG A 301 -2.60 3.62 3.96
C ARG A 301 -3.87 3.08 4.61
N ILE A 302 -4.09 3.38 5.90
CA ILE A 302 -5.24 2.90 6.66
C ILE A 302 -6.55 3.62 6.24
N ILE A 303 -7.67 2.92 6.40
CA ILE A 303 -9.02 3.42 6.15
C ILE A 303 -9.68 3.75 7.50
N VAL A 304 -10.16 4.95 7.62
CA VAL A 304 -10.83 5.42 8.83
C VAL A 304 -12.34 5.51 8.54
N PRO A 305 -13.23 5.00 9.43
CA PRO A 305 -14.66 5.02 9.10
C PRO A 305 -15.31 6.41 8.99
N ASP A 306 -16.31 6.53 8.12
CA ASP A 306 -17.17 7.71 8.04
C ASP A 306 -18.40 7.27 8.86
N ALA A 307 -18.41 7.61 10.16
CA ALA A 307 -19.48 7.24 11.08
C ALA A 307 -20.83 7.80 10.64
N GLN A 308 -20.86 9.02 10.06
CA GLN A 308 -22.10 9.64 9.61
C GLN A 308 -22.81 8.78 8.55
N TRP A 309 -22.05 8.32 7.52
CA TRP A 309 -22.56 7.50 6.43
C TRP A 309 -22.99 6.10 6.88
N ILE A 310 -22.14 5.39 7.64
CA ILE A 310 -22.44 4.05 8.15
C ILE A 310 -23.76 4.02 8.94
N ASN A 311 -23.98 5.01 9.85
CA ASN A 311 -25.20 5.09 10.67
C ASN A 311 -26.43 5.37 9.86
N ALA A 312 -26.32 6.26 8.88
CA ALA A 312 -27.43 6.60 7.99
C ALA A 312 -27.83 5.46 7.07
N ASN A 313 -26.84 4.64 6.61
CA ASN A 313 -27.12 3.55 5.68
C ASN A 313 -27.12 2.15 6.32
N MET A 314 -27.06 2.09 7.65
CA MET A 314 -27.05 0.87 8.46
C MET A 314 -28.16 -0.15 8.16
N GLY A 315 -29.43 0.28 8.22
CA GLY A 315 -30.60 -0.56 7.97
C GLY A 315 -30.56 -1.23 6.62
N MET A 316 -30.37 -0.40 5.57
CA MET A 316 -30.24 -0.81 4.17
C MET A 316 -29.16 -1.89 4.02
N LEU A 317 -27.96 -1.66 4.62
CA LEU A 317 -26.80 -2.55 4.56
C LEU A 317 -27.07 -3.94 5.12
N VAL A 318 -27.59 -4.02 6.38
CA VAL A 318 -27.95 -5.26 7.07
C VAL A 318 -29.00 -6.06 6.24
N GLN A 319 -30.04 -5.35 5.72
CA GLN A 319 -31.08 -5.92 4.88
C GLN A 319 -30.42 -6.55 3.63
N ARG A 320 -29.70 -5.73 2.85
CA ARG A 320 -29.02 -6.12 1.63
C ARG A 320 -28.02 -7.25 1.81
N TRP A 321 -27.31 -7.30 2.95
CA TRP A 321 -26.32 -8.35 3.22
C TRP A 321 -26.98 -9.69 3.54
N ASN A 322 -27.95 -9.71 4.50
CA ASN A 322 -28.66 -10.92 4.92
C ASN A 322 -29.35 -11.60 3.76
N SER A 323 -29.87 -10.79 2.82
CA SER A 323 -30.53 -11.23 1.59
C SER A 323 -29.50 -11.82 0.62
N TRP A 324 -28.31 -11.17 0.48
CA TRP A 324 -27.20 -11.60 -0.39
C TRP A 324 -26.60 -12.92 0.11
N ILE A 325 -26.51 -13.08 1.44
CA ILE A 325 -25.98 -14.29 2.06
C ILE A 325 -26.98 -15.46 1.92
N ARG A 326 -28.27 -15.12 1.66
CA ARG A 326 -29.43 -16.00 1.45
C ARG A 326 -29.89 -16.65 2.74
N GLU B 2 6.20 -8.68 -51.70
CA GLU B 2 6.65 -9.14 -50.40
C GLU B 2 6.76 -7.98 -49.41
N GLN B 3 6.37 -8.22 -48.14
CA GLN B 3 6.32 -7.17 -47.12
C GLN B 3 7.29 -7.37 -45.94
N ARG B 4 7.95 -6.29 -45.48
CA ARG B 4 8.92 -6.40 -44.37
C ARG B 4 8.90 -5.19 -43.39
N VAL B 5 9.52 -5.34 -42.21
CA VAL B 5 9.72 -4.29 -41.17
C VAL B 5 11.17 -4.46 -40.67
N VAL B 6 11.91 -3.36 -40.51
CA VAL B 6 13.27 -3.41 -39.96
C VAL B 6 13.26 -2.77 -38.56
N ILE B 7 13.55 -3.60 -37.52
CA ILE B 7 13.59 -3.20 -36.11
C ILE B 7 15.01 -3.38 -35.53
N ALA B 8 15.50 -2.39 -34.76
CA ALA B 8 16.81 -2.45 -34.09
C ALA B 8 16.64 -2.72 -32.59
N THR B 9 17.42 -3.65 -32.05
CA THR B 9 17.43 -4.06 -30.64
C THR B 9 18.92 -4.13 -30.20
N THR B 10 19.16 -4.41 -28.90
CA THR B 10 20.50 -4.61 -28.35
C THR B 10 21.06 -5.98 -28.76
N GLY B 11 20.21 -6.83 -29.35
CA GLY B 11 20.57 -8.16 -29.81
C GLY B 11 20.54 -9.18 -28.69
N GLY B 12 21.24 -10.29 -28.92
CA GLY B 12 21.39 -11.38 -27.97
C GLY B 12 20.13 -12.03 -27.45
N THR B 13 20.06 -12.17 -26.11
CA THR B 13 18.97 -12.81 -25.36
C THR B 13 17.66 -12.06 -25.50
N TYR B 14 17.76 -10.73 -25.52
CA TYR B 14 16.65 -9.79 -25.65
C TYR B 14 15.97 -9.99 -27.01
N GLU B 15 16.77 -10.00 -28.10
CA GLU B 15 16.31 -10.21 -29.47
C GLU B 15 15.69 -11.58 -29.66
N LYS B 16 16.29 -12.62 -29.06
CA LYS B 16 15.85 -14.01 -29.14
C LYS B 16 14.46 -14.16 -28.54
N ALA B 17 14.21 -13.55 -27.37
CA ALA B 17 12.91 -13.56 -26.69
C ALA B 17 11.82 -12.89 -27.55
N LEU B 18 12.17 -11.76 -28.18
CA LEU B 18 11.28 -10.99 -29.07
C LEU B 18 11.00 -11.71 -30.38
N ARG B 19 11.96 -12.47 -30.90
CA ARG B 19 11.78 -13.21 -32.14
C ARG B 19 10.75 -14.34 -31.97
N GLU B 20 10.88 -15.08 -30.85
CA GLU B 20 10.04 -16.22 -30.51
C GLU B 20 8.65 -15.81 -30.11
N ALA B 21 8.51 -14.73 -29.34
CA ALA B 21 7.21 -14.28 -28.83
C ALA B 21 6.49 -13.24 -29.66
N TRP B 22 7.22 -12.42 -30.41
CA TRP B 22 6.63 -11.30 -31.12
C TRP B 22 6.82 -11.30 -32.63
N PHE B 23 8.06 -11.46 -33.13
CA PHE B 23 8.34 -11.38 -34.56
C PHE B 23 7.85 -12.57 -35.36
N GLU B 24 8.23 -13.80 -34.99
CA GLU B 24 7.76 -14.99 -35.72
C GLU B 24 6.23 -15.13 -35.65
N PRO B 25 5.55 -14.98 -34.48
CA PRO B 25 4.07 -15.02 -34.48
C PRO B 25 3.42 -13.97 -35.38
N PHE B 26 3.98 -12.74 -35.44
CA PHE B 26 3.52 -11.64 -36.29
C PHE B 26 3.55 -12.06 -37.75
N THR B 27 4.72 -12.54 -38.21
CA THR B 27 4.97 -12.97 -39.58
C THR B 27 4.03 -14.12 -39.96
N LYS B 28 3.77 -15.03 -39.00
CA LYS B 28 2.88 -16.15 -39.22
C LYS B 28 1.46 -15.62 -39.45
N ALA B 29 1.02 -14.64 -38.63
CA ALA B 29 -0.31 -14.05 -38.72
C ALA B 29 -0.53 -13.09 -39.91
N THR B 30 0.53 -12.40 -40.37
CA THR B 30 0.42 -11.36 -41.40
C THR B 30 1.15 -11.64 -42.73
N GLY B 31 2.26 -12.34 -42.70
CA GLY B 31 3.07 -12.59 -43.88
C GLY B 31 4.20 -11.59 -44.05
N ILE B 32 4.20 -10.55 -43.21
CA ILE B 32 5.19 -9.48 -43.16
C ILE B 32 6.44 -9.99 -42.41
N LYS B 33 7.59 -9.94 -43.09
CA LYS B 33 8.88 -10.38 -42.56
C LYS B 33 9.48 -9.35 -41.63
N VAL B 34 10.03 -9.79 -40.49
CA VAL B 34 10.66 -8.90 -39.51
C VAL B 34 12.19 -9.05 -39.58
N VAL B 35 12.90 -8.00 -40.06
CA VAL B 35 14.35 -7.88 -40.21
C VAL B 35 14.87 -7.20 -38.93
N THR B 36 15.73 -7.90 -38.18
CA THR B 36 16.31 -7.42 -36.91
C THR B 36 17.76 -6.97 -37.06
N VAL B 37 18.07 -5.80 -36.48
CA VAL B 37 19.42 -5.22 -36.50
C VAL B 37 19.91 -5.07 -35.04
N SER B 38 21.17 -5.46 -34.76
CA SER B 38 21.73 -5.37 -33.41
C SER B 38 22.79 -4.27 -33.25
N GLY B 39 22.85 -3.71 -32.05
CA GLY B 39 23.79 -2.66 -31.66
C GLY B 39 23.50 -2.16 -30.25
N THR B 40 24.45 -1.40 -29.65
CA THR B 40 24.25 -0.82 -28.31
C THR B 40 23.25 0.33 -28.42
N ASP B 41 22.66 0.75 -27.29
CA ASP B 41 21.69 1.85 -27.25
C ASP B 41 22.32 3.12 -27.79
N ALA B 42 23.60 3.37 -27.45
CA ALA B 42 24.39 4.51 -27.89
C ALA B 42 24.64 4.49 -29.42
N GLU B 43 24.98 3.29 -29.97
CA GLU B 43 25.22 3.02 -31.40
C GLU B 43 23.95 3.23 -32.22
N LYS B 44 22.80 2.71 -31.70
CA LYS B 44 21.47 2.80 -32.30
C LYS B 44 21.03 4.25 -32.44
N ARG B 45 21.12 5.02 -31.33
CA ARG B 45 20.79 6.45 -31.27
C ARG B 45 21.56 7.21 -32.33
N ALA B 46 22.89 6.95 -32.42
CA ALA B 46 23.79 7.57 -33.39
C ALA B 46 23.53 7.12 -34.83
N LYS B 47 23.10 5.87 -35.03
CA LYS B 47 22.77 5.34 -36.36
C LYS B 47 21.46 5.92 -36.85
N VAL B 48 20.48 6.16 -35.95
CA VAL B 48 19.19 6.76 -36.28
C VAL B 48 19.36 8.22 -36.66
N THR B 49 20.09 9.01 -35.81
CA THR B 49 20.31 10.45 -36.12
C THR B 49 21.07 10.63 -37.43
N ALA B 50 22.10 9.79 -37.73
CA ALA B 50 22.86 9.87 -39.02
C ALA B 50 21.95 9.60 -40.22
N MET B 51 21.07 8.59 -40.11
CA MET B 51 20.10 8.20 -41.13
C MET B 51 19.10 9.33 -41.38
N VAL B 52 18.55 9.92 -40.30
CA VAL B 52 17.55 11.00 -40.36
C VAL B 52 18.16 12.27 -40.99
N GLN B 53 19.39 12.60 -40.56
CA GLN B 53 20.10 13.78 -41.00
C GLN B 53 20.50 13.75 -42.47
N THR B 54 20.82 12.56 -43.01
CA THR B 54 21.21 12.35 -44.41
C THR B 54 19.99 12.21 -45.32
N GLY B 55 19.05 11.37 -44.91
CA GLY B 55 17.86 11.07 -45.70
C GLY B 55 17.75 9.59 -46.01
N ASN B 56 18.90 8.90 -46.14
CA ASN B 56 18.92 7.46 -46.38
C ASN B 56 18.58 6.78 -45.03
N VAL B 57 17.29 6.48 -44.83
CA VAL B 57 16.79 5.79 -43.63
C VAL B 57 16.48 4.33 -44.02
N THR B 58 17.08 3.36 -43.27
CA THR B 58 16.95 1.91 -43.53
C THR B 58 16.30 1.18 -42.35
N TRP B 59 16.04 1.89 -41.25
CA TRP B 59 15.33 1.31 -40.12
C TRP B 59 13.92 1.91 -40.00
N ASP B 60 12.95 1.11 -39.52
CA ASP B 60 11.56 1.50 -39.31
C ASP B 60 11.30 1.71 -37.82
N LEU B 61 11.83 0.80 -36.98
CA LEU B 61 11.63 0.80 -35.52
C LEU B 61 12.93 0.51 -34.80
N TYR B 62 13.05 1.00 -33.54
CA TYR B 62 14.16 0.71 -32.64
C TYR B 62 13.70 0.77 -31.19
N LEU B 63 14.37 0.03 -30.30
CA LEU B 63 14.04 0.06 -28.89
C LEU B 63 15.00 0.99 -28.17
N ASP B 64 14.50 1.70 -27.15
CA ASP B 64 15.31 2.55 -26.29
C ASP B 64 14.59 2.74 -24.96
N GLY B 65 15.36 3.04 -23.90
CA GLY B 65 14.82 3.31 -22.57
C GLY B 65 13.78 4.40 -22.60
N GLU B 66 12.75 4.29 -21.73
CA GLU B 66 11.63 5.23 -21.71
C GLU B 66 12.03 6.67 -21.35
N ILE B 67 13.09 6.83 -20.54
CA ILE B 67 13.59 8.15 -20.16
C ILE B 67 14.31 8.76 -21.35
N GLN B 68 14.98 7.97 -22.19
CA GLN B 68 15.60 8.53 -23.40
C GLN B 68 14.51 8.80 -24.49
N ALA B 69 13.32 8.15 -24.36
CA ALA B 69 12.22 8.22 -25.34
C ALA B 69 11.01 9.23 -25.13
N GLY B 70 11.00 10.25 -24.27
CA GLY B 70 12.00 10.73 -23.32
C GLY B 70 12.44 12.16 -23.59
N SER B 71 13.68 12.29 -24.11
CA SER B 71 14.37 13.53 -24.42
C SER B 71 13.92 14.16 -25.72
N ASP B 72 14.25 15.46 -25.92
CA ASP B 72 13.96 16.25 -27.12
C ASP B 72 14.72 15.67 -28.31
N ALA B 73 15.96 15.19 -28.06
CA ALA B 73 16.86 14.55 -29.03
C ALA B 73 16.17 13.42 -29.74
N HIS B 74 15.45 12.56 -28.98
CA HIS B 74 14.66 11.44 -29.45
C HIS B 74 13.49 11.91 -30.32
N PHE B 75 12.77 12.95 -29.86
CA PHE B 75 11.62 13.54 -30.56
C PHE B 75 12.00 14.19 -31.91
N ALA B 76 13.29 14.50 -32.09
CA ALA B 76 13.85 15.08 -33.30
C ALA B 76 14.11 14.02 -34.38
N ILE B 77 14.40 12.76 -33.98
CA ILE B 77 14.75 11.65 -34.87
C ILE B 77 13.63 10.59 -34.98
N THR B 78 12.55 10.75 -34.17
CA THR B 78 11.42 9.83 -34.19
C THR B 78 10.11 10.53 -34.54
N GLU B 79 9.12 9.72 -34.99
CA GLU B 79 7.78 10.19 -35.31
C GLU B 79 6.97 10.30 -34.05
N ASP B 80 6.04 11.27 -34.02
CA ASP B 80 5.14 11.50 -32.91
C ASP B 80 4.01 10.48 -33.02
N LEU B 81 3.98 9.53 -32.07
CA LEU B 81 2.99 8.45 -32.06
C LEU B 81 1.61 8.85 -31.50
N SER B 82 1.52 10.03 -30.83
CA SER B 82 0.32 10.61 -30.20
C SER B 82 -1.01 10.36 -30.97
N ASP B 83 -1.03 10.57 -32.30
CA ASP B 83 -2.22 10.28 -33.11
C ASP B 83 -2.58 8.79 -33.11
N PHE B 84 -1.60 7.90 -33.38
CA PHE B 84 -1.72 6.43 -33.37
C PHE B 84 -2.17 5.86 -31.99
N CYS B 85 -1.69 6.45 -30.88
CA CYS B 85 -2.00 6.07 -29.48
C CYS B 85 -3.49 6.09 -29.19
N MET B 86 -4.20 7.09 -29.71
CA MET B 86 -5.62 7.35 -29.48
C MET B 86 -6.55 6.12 -29.59
N GLN B 87 -6.22 5.10 -30.39
CA GLN B 87 -7.09 3.92 -30.51
C GLN B 87 -7.16 3.03 -29.25
N PHE B 88 -6.22 3.21 -28.29
CA PHE B 88 -6.17 2.46 -27.03
C PHE B 88 -6.58 3.35 -25.85
N ILE B 89 -7.31 4.46 -26.14
CA ILE B 89 -7.77 5.41 -25.11
C ILE B 89 -8.89 4.77 -24.27
N ASN B 90 -9.71 3.91 -24.91
CA ASN B 90 -10.81 3.17 -24.28
C ASN B 90 -10.46 1.69 -24.01
N SER B 91 -9.15 1.42 -23.76
CA SER B 91 -8.65 0.08 -23.45
C SER B 91 -8.81 -0.17 -21.97
N THR B 92 -9.37 -1.34 -21.65
CA THR B 92 -9.59 -1.79 -20.27
C THR B 92 -8.35 -2.57 -19.76
N ASP B 93 -7.41 -2.90 -20.72
CA ASP B 93 -6.21 -3.74 -20.58
C ASP B 93 -4.83 -3.02 -20.45
N LEU B 94 -4.64 -1.89 -21.17
CA LEU B 94 -3.40 -1.09 -21.16
C LEU B 94 -3.51 0.21 -20.32
N LEU B 95 -2.49 0.53 -19.51
CA LEU B 95 -2.50 1.76 -18.73
C LEU B 95 -2.08 2.98 -19.55
N ALA B 96 -2.39 4.20 -19.09
CA ALA B 96 -2.11 5.44 -19.84
C ALA B 96 -0.72 5.56 -20.47
N ASP B 97 0.32 5.26 -19.66
CA ASP B 97 1.75 5.35 -20.00
C ASP B 97 2.25 4.42 -21.13
N SER B 98 1.44 3.45 -21.58
CA SER B 98 1.79 2.40 -22.55
C SER B 98 2.01 2.88 -23.99
N CYS B 99 1.49 4.08 -24.33
CA CYS B 99 1.62 4.64 -25.67
C CYS B 99 1.77 6.17 -25.54
N THR B 100 3.02 6.66 -25.73
CA THR B 100 3.48 8.05 -25.61
C THR B 100 4.02 8.56 -26.97
N ARG B 101 4.22 9.89 -27.08
CA ARG B 101 4.79 10.59 -28.23
C ARG B 101 6.03 9.85 -28.77
N GLY B 102 6.93 9.47 -27.85
CA GLY B 102 8.19 8.81 -28.16
C GLY B 102 8.14 7.34 -28.51
N GLY B 103 7.01 6.67 -28.21
CA GLY B 103 6.84 5.25 -28.50
C GLY B 103 5.91 4.46 -27.60
N ALA B 104 5.74 3.16 -27.94
CA ALA B 104 4.88 2.23 -27.23
C ALA B 104 5.70 1.47 -26.21
N LYS B 105 5.13 1.16 -25.04
CA LYS B 105 5.85 0.41 -24.02
C LYS B 105 6.00 -1.03 -24.46
N LEU B 106 7.24 -1.56 -24.37
CA LEU B 106 7.48 -2.92 -24.71
C LEU B 106 7.39 -3.71 -23.40
N GLN B 107 8.29 -3.44 -22.46
CA GLN B 107 8.34 -4.11 -21.17
C GLN B 107 9.04 -3.22 -20.15
N SER B 108 8.83 -3.49 -18.84
CA SER B 108 9.44 -2.70 -17.78
C SER B 108 10.10 -3.53 -16.68
N THR B 109 11.06 -2.95 -15.99
CA THR B 109 11.79 -3.61 -14.90
C THR B 109 11.64 -2.77 -13.62
N SER B 110 11.72 -3.43 -12.46
CA SER B 110 11.50 -2.78 -11.15
C SER B 110 12.76 -2.48 -10.34
N THR B 111 12.70 -1.36 -9.59
CA THR B 111 13.68 -0.92 -8.60
C THR B 111 12.78 -0.79 -7.37
N LEU B 112 13.01 -1.59 -6.36
CA LEU B 112 12.14 -1.60 -5.21
C LEU B 112 12.85 -1.78 -3.88
N LEU B 113 12.03 -1.80 -2.81
CA LEU B 113 12.43 -2.00 -1.43
C LEU B 113 12.60 -3.48 -1.22
N ALA B 114 13.81 -3.90 -0.90
CA ALA B 114 14.16 -5.27 -0.63
C ALA B 114 14.78 -5.28 0.76
N TYR B 115 14.67 -6.41 1.47
CA TYR B 115 15.13 -6.48 2.86
C TYR B 115 15.50 -7.88 3.24
N LYS B 116 16.37 -8.01 4.24
CA LYS B 116 16.69 -9.30 4.81
C LYS B 116 15.51 -9.65 5.73
N LEU B 117 15.00 -10.87 5.66
CA LEU B 117 13.89 -11.30 6.50
C LEU B 117 14.31 -11.36 7.95
N ASN B 118 13.46 -10.78 8.82
CA ASN B 118 13.59 -10.68 10.25
C ASN B 118 12.97 -11.86 10.96
N GLU B 119 13.48 -12.17 12.15
CA GLU B 119 13.04 -13.29 13.00
C GLU B 119 11.63 -13.06 13.60
N ASN B 120 11.31 -11.78 13.87
CA ASN B 120 10.02 -11.35 14.40
C ASN B 120 8.92 -11.37 13.33
N GLY B 121 9.33 -11.56 12.08
CA GLY B 121 8.44 -11.57 10.92
C GLY B 121 7.96 -10.19 10.52
N SER B 122 8.49 -9.12 11.20
CA SER B 122 8.13 -7.74 10.92
C SER B 122 9.17 -7.14 9.97
N ASN B 123 8.79 -7.05 8.69
CA ASN B 123 9.65 -6.53 7.64
C ASN B 123 9.15 -5.21 7.06
N PRO B 124 10.05 -4.34 6.54
CA PRO B 124 9.57 -3.05 6.01
C PRO B 124 8.73 -3.24 4.76
N GLN B 125 7.63 -2.52 4.62
CA GLN B 125 6.77 -2.70 3.43
C GLN B 125 6.65 -1.44 2.58
N THR B 126 7.04 -0.27 3.13
CA THR B 126 6.95 1.01 2.41
C THR B 126 8.26 1.74 2.47
N TRP B 127 8.42 2.81 1.68
CA TRP B 127 9.59 3.66 1.75
C TRP B 127 9.64 4.35 3.16
N ALA B 128 8.46 4.63 3.77
CA ALA B 128 8.39 5.19 5.14
C ALA B 128 9.00 4.22 6.16
N ASP B 129 8.78 2.91 5.98
CA ASP B 129 9.33 1.84 6.79
C ASP B 129 10.86 1.77 6.68
N MET B 130 11.42 1.94 5.46
CA MET B 130 12.86 2.02 5.22
C MET B 130 13.52 3.17 6.07
N TRP B 131 12.78 4.27 6.33
CA TRP B 131 13.24 5.40 7.16
C TRP B 131 13.00 5.16 8.63
N ASP B 132 12.28 4.08 8.99
CA ASP B 132 11.94 3.75 10.37
C ASP B 132 12.93 2.73 10.92
N LEU B 133 14.09 3.22 11.34
CA LEU B 133 15.21 2.44 11.88
C LEU B 133 14.84 1.75 13.15
N ALA B 134 14.02 2.43 13.99
CA ALA B 134 13.54 1.96 15.28
C ALA B 134 12.80 0.62 15.15
N LYS B 135 11.73 0.57 14.32
CA LYS B 135 10.90 -0.60 14.07
C LYS B 135 11.58 -1.62 13.15
N PHE B 136 12.37 -1.17 12.17
CA PHE B 136 13.05 -2.07 11.24
C PHE B 136 14.54 -1.79 11.25
N PRO B 137 15.32 -2.40 12.18
CA PRO B 137 16.77 -2.09 12.25
C PRO B 137 17.62 -2.71 11.15
N GLY B 138 18.81 -2.16 10.97
CA GLY B 138 19.74 -2.63 9.96
C GLY B 138 20.31 -1.52 9.11
N ALA B 139 21.50 -1.78 8.58
CA ALA B 139 22.19 -0.86 7.65
C ALA B 139 21.33 -0.73 6.36
N ARG B 140 21.23 0.50 5.81
CA ARG B 140 20.49 0.74 4.56
C ARG B 140 21.46 0.75 3.36
N SER B 141 20.89 0.64 2.17
CA SER B 141 21.64 0.65 0.93
C SER B 141 20.81 1.29 -0.15
N PHE B 142 21.47 2.13 -0.94
CA PHE B 142 20.84 2.83 -2.03
C PHE B 142 21.81 2.87 -3.21
N PRO B 143 21.31 2.99 -4.46
CA PRO B 143 22.24 3.11 -5.58
C PRO B 143 22.98 4.46 -5.63
N ASN B 144 24.25 4.37 -6.02
CA ASN B 144 25.09 5.53 -6.21
C ASN B 144 25.68 5.47 -7.62
N PHE B 145 24.79 5.65 -8.58
CA PHE B 145 25.16 5.78 -9.99
C PHE B 145 24.74 7.20 -10.34
N ASP B 146 25.09 7.65 -11.55
CA ASP B 146 24.81 9.01 -11.99
C ASP B 146 23.35 9.17 -12.50
N ASP B 147 22.40 8.65 -11.68
CA ASP B 147 20.96 8.65 -11.87
C ASP B 147 20.32 8.55 -10.46
N PRO B 148 20.21 9.69 -9.72
CA PRO B 148 19.69 9.61 -8.34
C PRO B 148 18.17 9.76 -8.10
N TRP B 149 17.38 10.19 -9.11
CA TRP B 149 15.95 10.48 -9.05
C TRP B 149 15.10 9.45 -8.26
N ARG B 150 15.42 8.13 -8.37
CA ARG B 150 14.71 7.05 -7.67
C ARG B 150 15.01 7.05 -6.17
N VAL B 151 16.22 7.49 -5.78
CA VAL B 151 16.62 7.60 -4.36
C VAL B 151 15.85 8.76 -3.74
N LEU B 152 15.78 9.89 -4.47
CA LEU B 152 15.09 11.13 -4.11
C LEU B 152 13.57 10.92 -4.02
N ALA B 153 12.98 10.28 -5.03
CA ALA B 153 11.57 9.92 -5.07
C ALA B 153 11.18 8.93 -3.93
N ALA B 154 12.09 7.98 -3.54
CA ALA B 154 11.85 7.09 -2.38
C ALA B 154 11.80 7.90 -1.10
N ALA B 155 12.73 8.88 -0.90
CA ALA B 155 12.74 9.79 0.27
C ALA B 155 11.44 10.60 0.35
N LEU B 156 10.96 11.13 -0.80
CA LEU B 156 9.72 11.90 -0.88
C LEU B 156 8.50 11.08 -0.49
N LEU B 157 8.40 9.85 -0.99
CA LEU B 157 7.29 8.92 -0.67
C LEU B 157 7.30 8.52 0.82
N ALA B 158 8.51 8.38 1.39
CA ALA B 158 8.77 8.09 2.80
C ALA B 158 8.35 9.26 3.64
N ASP B 159 8.51 10.50 3.10
CA ASP B 159 8.14 11.76 3.75
C ASP B 159 6.63 12.08 3.64
N GLY B 160 5.86 11.18 3.06
CA GLY B 160 4.41 11.31 2.96
C GLY B 160 3.84 11.94 1.71
N VAL B 161 4.67 12.16 0.67
CA VAL B 161 4.19 12.71 -0.60
C VAL B 161 3.43 11.60 -1.34
N PRO B 162 2.14 11.81 -1.70
CA PRO B 162 1.41 10.78 -2.46
C PRO B 162 1.98 10.67 -3.87
N ARG B 163 1.97 9.45 -4.45
CA ARG B 163 2.55 9.19 -5.77
C ARG B 163 2.01 10.06 -6.91
N GLU B 164 0.74 10.46 -6.83
CA GLU B 164 0.07 11.32 -7.82
C GLU B 164 0.64 12.76 -7.81
N LYS B 165 1.12 13.20 -6.62
CA LYS B 165 1.72 14.52 -6.40
C LYS B 165 3.26 14.47 -6.34
N LEU B 166 3.87 13.31 -6.72
CA LEU B 166 5.33 13.10 -6.66
C LEU B 166 6.12 14.00 -7.61
N PHE B 167 5.74 14.06 -8.91
CA PHE B 167 6.41 14.89 -9.91
C PHE B 167 5.67 16.25 -10.08
N PRO B 168 6.35 17.43 -10.10
CA PRO B 168 7.82 17.66 -10.01
C PRO B 168 8.44 17.38 -8.63
N LEU B 169 9.62 16.72 -8.62
CA LEU B 169 10.32 16.36 -7.37
C LEU B 169 10.82 17.56 -6.60
N ASP B 170 10.46 17.61 -5.30
CA ASP B 170 10.89 18.65 -4.35
C ASP B 170 12.28 18.19 -3.86
N VAL B 171 13.33 18.51 -4.65
CA VAL B 171 14.73 18.09 -4.45
C VAL B 171 15.29 18.52 -3.08
N ASP B 172 14.89 19.72 -2.61
CA ASP B 172 15.31 20.24 -1.31
C ASP B 172 14.77 19.39 -0.18
N ARG B 173 13.48 19.01 -0.25
CA ARG B 173 12.80 18.15 0.72
C ARG B 173 13.38 16.73 0.68
N ALA B 174 13.55 16.14 -0.53
CA ALA B 174 14.13 14.82 -0.73
C ALA B 174 15.50 14.65 -0.07
N PHE B 175 16.40 15.65 -0.16
CA PHE B 175 17.72 15.61 0.49
C PHE B 175 17.61 15.83 2.02
N ARG B 176 16.62 16.61 2.47
CA ARG B 176 16.35 16.85 3.88
C ARG B 176 15.97 15.50 4.51
N LYS B 177 15.09 14.72 3.83
CA LYS B 177 14.67 13.39 4.26
C LYS B 177 15.84 12.41 4.25
N LEU B 178 16.66 12.42 3.16
CA LEU B 178 17.85 11.57 3.06
C LEU B 178 18.88 11.77 4.19
N ASP B 179 19.06 13.02 4.67
CA ASP B 179 19.98 13.35 5.77
C ASP B 179 19.59 12.63 7.08
N GLU B 180 18.28 12.40 7.31
CA GLU B 180 17.74 11.67 8.48
C GLU B 180 18.20 10.21 8.46
N LEU B 181 18.34 9.65 7.25
CA LEU B 181 18.73 8.27 7.04
C LEU B 181 20.22 8.03 6.75
N ARG B 182 20.94 9.00 6.13
CA ARG B 182 22.34 8.90 5.67
C ARG B 182 23.25 8.09 6.59
N ASP B 183 23.28 8.43 7.89
CA ASP B 183 24.16 7.76 8.86
C ASP B 183 24.03 6.23 8.88
N SER B 184 22.84 5.73 8.53
CA SER B 184 22.48 4.32 8.45
C SER B 184 22.88 3.69 7.11
N VAL B 185 23.13 4.50 6.05
CA VAL B 185 23.47 4.01 4.70
C VAL B 185 24.93 3.60 4.68
N GLN B 186 25.17 2.30 4.81
CA GLN B 186 26.54 1.74 4.83
C GLN B 186 27.01 1.35 3.43
N VAL B 187 26.04 1.11 2.50
CA VAL B 187 26.30 0.68 1.12
C VAL B 187 25.71 1.65 0.11
N TRP B 188 26.58 2.17 -0.76
CA TRP B 188 26.23 3.03 -1.87
C TRP B 188 26.65 2.25 -3.12
N TRP B 189 25.79 1.31 -3.56
CA TRP B 189 26.08 0.40 -4.67
C TRP B 189 26.10 1.08 -6.03
N ARG B 190 27.23 0.86 -6.75
CA ARG B 190 27.51 1.42 -8.07
C ARG B 190 27.02 0.49 -9.16
N THR B 191 27.03 -0.85 -8.89
CA THR B 191 26.58 -1.90 -9.82
C THR B 191 25.64 -2.91 -9.09
N GLY B 192 24.91 -3.70 -9.87
CA GLY B 192 24.06 -4.74 -9.36
C GLY B 192 24.88 -5.80 -8.66
N ASP B 193 26.08 -6.08 -9.20
CA ASP B 193 26.99 -7.08 -8.64
C ASP B 193 27.41 -6.70 -7.22
N GLN B 194 27.67 -5.38 -6.99
CA GLN B 194 28.03 -4.86 -5.67
C GLN B 194 26.85 -4.90 -4.67
N SER B 195 25.61 -4.65 -5.14
CA SER B 195 24.41 -4.71 -4.29
C SER B 195 24.16 -6.16 -3.76
N VAL B 196 24.46 -7.16 -4.61
CA VAL B 196 24.33 -8.59 -4.33
C VAL B 196 25.48 -9.05 -3.40
N GLN B 197 26.72 -8.65 -3.72
CA GLN B 197 27.88 -8.97 -2.88
C GLN B 197 27.80 -8.31 -1.46
N ALA B 198 27.21 -7.10 -1.36
CA ALA B 198 27.05 -6.42 -0.07
C ALA B 198 26.00 -7.13 0.78
N PHE B 199 24.92 -7.66 0.14
CA PHE B 199 23.87 -8.43 0.84
C PHE B 199 24.43 -9.76 1.30
N ARG B 200 25.26 -10.42 0.45
CA ARG B 200 25.92 -11.71 0.76
C ARG B 200 26.79 -11.60 2.00
N ASN B 201 27.53 -10.49 2.12
CA ASN B 201 28.41 -10.23 3.26
C ASN B 201 27.69 -9.67 4.48
N ASP B 202 26.38 -9.41 4.33
CA ASP B 202 25.47 -8.84 5.34
C ASP B 202 25.91 -7.42 5.73
N GLU B 203 26.27 -6.61 4.70
CA GLU B 203 26.67 -5.21 4.84
C GLU B 203 25.46 -4.29 4.94
N TYR B 204 24.27 -4.79 4.55
CA TYR B 204 22.96 -4.12 4.65
C TYR B 204 21.86 -5.11 4.83
N ARG B 205 20.77 -4.65 5.45
CA ARG B 205 19.55 -5.42 5.75
C ARG B 205 18.34 -4.88 4.95
N VAL B 206 18.30 -3.57 4.65
CA VAL B 206 17.18 -2.88 3.98
C VAL B 206 17.76 -2.02 2.90
N GLY B 207 17.30 -2.23 1.68
CA GLY B 207 17.81 -1.45 0.56
C GLY B 207 16.91 -1.25 -0.63
N GLN B 208 17.27 -0.28 -1.47
CA GLN B 208 16.61 -0.03 -2.73
C GLN B 208 17.52 -0.71 -3.76
N ILE B 209 17.06 -1.83 -4.33
CA ILE B 209 17.84 -2.60 -5.29
C ILE B 209 16.98 -2.97 -6.50
N TRP B 210 17.58 -3.59 -7.54
CA TRP B 210 16.80 -4.03 -8.71
C TRP B 210 16.11 -5.35 -8.38
N LEU B 211 14.84 -5.52 -8.80
CA LEU B 211 14.10 -6.78 -8.62
C LEU B 211 14.90 -8.00 -9.14
N THR B 212 15.60 -7.82 -10.27
CA THR B 212 16.44 -8.84 -10.90
C THR B 212 17.52 -9.36 -9.94
N ARG B 213 18.19 -8.46 -9.23
CA ARG B 213 19.24 -8.81 -8.28
C ARG B 213 18.68 -9.38 -6.96
N ALA B 214 17.45 -8.97 -6.50
CA ALA B 214 16.80 -9.55 -5.30
C ALA B 214 16.38 -11.00 -5.61
N LYS B 215 15.84 -11.22 -6.84
CA LYS B 215 15.43 -12.52 -7.36
C LYS B 215 16.62 -13.52 -7.33
N ALA B 216 17.82 -13.06 -7.79
CA ALA B 216 19.07 -13.84 -7.85
C ALA B 216 19.53 -14.23 -6.47
N LEU B 217 19.40 -13.31 -5.48
CA LEU B 217 19.76 -13.59 -4.08
C LEU B 217 18.84 -14.64 -3.44
N LYS B 218 17.52 -14.57 -3.73
CA LYS B 218 16.50 -15.52 -3.25
C LYS B 218 16.80 -16.90 -3.82
N ALA B 219 17.18 -16.95 -5.11
CA ALA B 219 17.54 -18.18 -5.84
C ALA B 219 18.82 -18.82 -5.28
N GLU B 220 19.74 -18.00 -4.70
CA GLU B 220 20.99 -18.44 -4.07
C GLU B 220 20.76 -18.96 -2.65
N GLY B 221 19.54 -18.78 -2.15
CA GLY B 221 19.13 -19.27 -0.84
C GLY B 221 19.07 -18.24 0.24
N TYR B 222 19.32 -16.97 -0.09
CA TYR B 222 19.29 -15.89 0.89
C TYR B 222 17.87 -15.54 1.33
N LYS B 223 17.73 -15.23 2.62
CA LYS B 223 16.50 -14.84 3.31
C LYS B 223 16.18 -13.37 2.98
N ILE B 224 15.80 -13.13 1.72
CA ILE B 224 15.46 -11.83 1.17
C ILE B 224 13.97 -11.80 0.74
N GLY B 225 13.31 -10.68 1.00
CA GLY B 225 11.95 -10.38 0.58
C GLY B 225 11.93 -8.98 -0.03
N TRP B 226 10.82 -8.62 -0.64
CA TRP B 226 10.68 -7.29 -1.26
C TRP B 226 9.24 -6.82 -1.26
N SER B 227 9.04 -5.51 -1.48
CA SER B 227 7.72 -4.90 -1.53
C SER B 227 7.50 -4.10 -2.81
N TYR B 228 6.27 -4.21 -3.39
CA TYR B 228 5.89 -3.48 -4.62
C TYR B 228 5.29 -2.11 -4.34
N ASP B 229 5.12 -1.74 -3.06
CA ASP B 229 4.61 -0.44 -2.67
C ASP B 229 5.67 0.61 -2.98
N GLY B 230 5.32 1.52 -3.89
CA GLY B 230 6.20 2.59 -4.37
C GLY B 230 7.36 2.10 -5.21
N ALA B 231 7.27 0.87 -5.77
CA ALA B 231 8.32 0.32 -6.63
C ALA B 231 8.41 1.17 -7.92
N PHE B 232 9.62 1.35 -8.44
CA PHE B 232 9.84 2.16 -9.65
C PHE B 232 9.90 1.24 -10.88
N LEU B 233 8.88 1.34 -11.74
CA LEU B 233 8.77 0.54 -12.94
C LEU B 233 9.26 1.33 -14.12
N VAL B 234 10.48 1.02 -14.59
CA VAL B 234 11.15 1.70 -15.71
C VAL B 234 11.46 0.70 -16.83
N GLY B 235 11.05 1.03 -18.04
CA GLY B 235 11.25 0.16 -19.19
C GLY B 235 11.74 0.77 -20.47
N ASP B 236 11.51 0.01 -21.57
CA ASP B 236 11.87 0.34 -22.96
C ASP B 236 10.64 0.66 -23.78
N ARG B 237 10.81 1.54 -24.76
CA ARG B 237 9.77 1.93 -25.69
C ARG B 237 10.14 1.52 -27.12
N ILE B 238 9.12 1.19 -27.96
CA ILE B 238 9.27 0.85 -29.38
C ILE B 238 9.06 2.19 -30.09
N ALA B 239 10.11 2.74 -30.71
CA ALA B 239 10.01 4.02 -31.40
C ALA B 239 10.01 3.86 -32.92
N LEU B 240 9.23 4.70 -33.63
CA LEU B 240 9.11 4.73 -35.07
C LEU B 240 10.02 5.82 -35.65
N VAL B 241 10.86 5.46 -36.63
CA VAL B 241 11.77 6.42 -37.28
C VAL B 241 10.93 7.30 -38.20
N ARG B 242 11.07 8.65 -38.13
CA ARG B 242 10.24 9.57 -38.93
C ARG B 242 10.25 9.31 -40.44
N GLY B 243 11.41 9.02 -41.01
CA GLY B 243 11.49 8.73 -42.44
C GLY B 243 11.39 7.25 -42.77
N ALA B 244 10.82 6.42 -41.86
CA ALA B 244 10.66 4.96 -41.96
C ALA B 244 10.10 4.49 -43.31
N PRO B 245 10.83 3.58 -44.00
CA PRO B 245 10.37 3.11 -45.32
C PRO B 245 9.03 2.35 -45.33
N ASN B 246 8.84 1.44 -44.35
CA ASN B 246 7.66 0.58 -44.16
C ASN B 246 6.87 1.04 -42.93
N ARG B 247 6.53 2.36 -42.87
CA ARG B 247 5.79 3.03 -41.79
C ARG B 247 4.52 2.28 -41.33
N GLU B 248 3.65 1.91 -42.28
CA GLU B 248 2.38 1.21 -42.08
C GLU B 248 2.57 -0.15 -41.44
N ASN B 249 3.48 -0.97 -42.01
CA ASN B 249 3.82 -2.30 -41.53
C ASN B 249 4.47 -2.25 -40.17
N ALA B 250 5.26 -1.19 -39.89
CA ALA B 250 5.93 -0.99 -38.61
C ALA B 250 4.91 -0.75 -37.51
N LEU B 251 3.82 0.00 -37.82
CA LEU B 251 2.73 0.29 -36.89
C LEU B 251 1.83 -0.94 -36.65
N LYS B 252 1.78 -1.88 -37.62
CA LYS B 252 1.03 -3.13 -37.52
C LYS B 252 1.75 -4.05 -36.52
N LEU B 253 3.11 -3.98 -36.53
CA LEU B 253 3.99 -4.74 -35.64
C LEU B 253 3.84 -4.22 -34.22
N ILE B 254 3.68 -2.89 -34.06
CA ILE B 254 3.47 -2.26 -32.77
C ILE B 254 2.09 -2.68 -32.22
N GLU B 255 1.01 -2.52 -33.02
CA GLU B 255 -0.38 -2.87 -32.70
C GLU B 255 -0.45 -4.33 -32.30
N PHE B 256 0.25 -5.22 -33.06
CA PHE B 256 0.28 -6.65 -32.76
C PHE B 256 0.71 -6.87 -31.30
N TRP B 257 1.85 -6.24 -30.90
CA TRP B 257 2.40 -6.33 -29.55
C TRP B 257 1.43 -5.84 -28.51
N LEU B 258 0.93 -4.61 -28.65
CA LEU B 258 0.02 -4.01 -27.67
C LEU B 258 -1.32 -4.79 -27.51
N ARG B 259 -1.84 -5.37 -28.60
CA ARG B 259 -3.10 -6.11 -28.60
C ARG B 259 -2.93 -7.63 -28.37
N ASN B 260 -1.70 -8.13 -28.19
CA ASN B 260 -1.45 -9.56 -27.97
C ASN B 260 -0.93 -9.90 -26.55
N PRO B 261 -1.80 -10.19 -25.56
CA PRO B 261 -1.32 -10.54 -24.22
C PRO B 261 -0.46 -11.81 -24.17
N ALA B 262 -0.70 -12.78 -25.06
CA ALA B 262 0.05 -14.05 -25.14
C ALA B 262 1.49 -13.81 -25.56
N ALA B 263 1.69 -12.92 -26.54
CA ALA B 263 2.99 -12.50 -27.05
C ALA B 263 3.78 -11.81 -25.92
N GLN B 264 3.16 -10.80 -25.27
CA GLN B 264 3.74 -10.06 -24.15
C GLN B 264 4.13 -10.95 -22.98
N ALA B 265 3.26 -11.89 -22.59
CA ALA B 265 3.46 -12.82 -21.48
C ALA B 265 4.60 -13.79 -21.77
N LYS B 266 4.67 -14.30 -23.00
CA LYS B 266 5.73 -15.22 -23.40
C LYS B 266 7.09 -14.50 -23.33
N ALA B 267 7.18 -13.29 -23.94
CA ALA B 267 8.41 -12.50 -23.94
C ALA B 267 8.83 -12.09 -22.51
N CYS B 268 7.86 -11.74 -21.65
CA CYS B 268 8.18 -11.35 -20.28
C CYS B 268 8.41 -12.52 -19.32
N GLU B 269 8.00 -13.76 -19.68
CA GLU B 269 8.32 -14.96 -18.89
C GLU B 269 9.82 -15.22 -19.08
N THR B 270 10.28 -15.14 -20.34
CA THR B 270 11.67 -15.33 -20.77
C THR B 270 12.61 -14.30 -20.15
N LEU B 271 12.21 -13.01 -20.18
CA LEU B 271 13.02 -11.88 -19.72
C LEU B 271 12.81 -11.42 -18.28
N SER B 272 11.76 -11.91 -17.55
CA SER B 272 11.44 -11.52 -16.14
C SER B 272 11.15 -10.00 -16.00
N CYS B 273 10.23 -9.52 -16.82
CA CYS B 273 9.83 -8.13 -16.84
C CYS B 273 8.32 -8.03 -16.77
N THR B 274 7.83 -6.81 -16.57
CA THR B 274 6.41 -6.49 -16.50
C THR B 274 5.92 -6.01 -17.87
N PRO B 275 5.00 -6.78 -18.53
CA PRO B 275 4.44 -6.31 -19.81
C PRO B 275 3.40 -5.20 -19.62
N PRO B 276 3.11 -4.34 -20.63
CA PRO B 276 2.12 -3.24 -20.43
C PRO B 276 0.65 -3.67 -20.29
N SER B 277 0.32 -4.92 -20.68
CA SER B 277 -1.04 -5.47 -20.62
C SER B 277 -1.32 -6.09 -19.25
N GLN B 278 -2.50 -5.78 -18.69
CA GLN B 278 -3.02 -6.27 -17.42
C GLN B 278 -3.29 -7.77 -17.50
N LYS B 279 -3.79 -8.23 -18.67
CA LYS B 279 -4.10 -9.61 -18.99
C LYS B 279 -2.84 -10.44 -19.11
N ALA B 280 -1.78 -9.88 -19.75
CA ALA B 280 -0.49 -10.54 -19.95
C ALA B 280 0.18 -10.84 -18.62
N ILE B 281 0.14 -9.87 -17.67
CA ILE B 281 0.67 -10.02 -16.32
C ILE B 281 0.05 -11.25 -15.62
N SER B 282 -1.27 -11.38 -15.64
CA SER B 282 -1.99 -12.47 -15.00
C SER B 282 -1.86 -13.83 -15.74
N GLN B 283 -1.64 -13.76 -17.07
CA GLN B 283 -1.51 -14.89 -17.98
C GLN B 283 -0.17 -15.61 -17.86
N MET B 284 0.82 -14.99 -17.20
CA MET B 284 2.16 -15.60 -17.07
C MET B 284 2.16 -16.83 -16.14
N SER B 285 3.15 -17.73 -16.32
CA SER B 285 3.33 -18.93 -15.49
C SER B 285 3.42 -18.55 -14.02
N SER B 286 2.95 -19.44 -13.14
CA SER B 286 2.96 -19.20 -11.70
C SER B 286 4.34 -18.83 -11.17
N GLU B 287 5.39 -19.54 -11.62
CA GLU B 287 6.81 -19.34 -11.25
C GLU B 287 7.33 -17.93 -11.60
N ALA B 288 6.99 -17.43 -12.79
CA ALA B 288 7.34 -16.10 -13.26
C ALA B 288 6.58 -15.08 -12.47
N ARG B 289 5.23 -15.23 -12.37
CA ARG B 289 4.35 -14.34 -11.61
C ARG B 289 4.77 -14.16 -10.15
N ALA B 290 5.29 -15.23 -9.52
CA ALA B 290 5.72 -15.29 -8.12
C ALA B 290 6.74 -14.22 -7.75
N THR B 291 7.62 -13.85 -8.69
CA THR B 291 8.66 -12.87 -8.40
C THR B 291 8.43 -11.51 -9.12
N LEU B 292 7.20 -11.21 -9.57
CA LEU B 292 6.88 -10.00 -10.31
C LEU B 292 5.62 -9.32 -9.77
N PRO B 293 5.47 -7.98 -9.92
CA PRO B 293 4.26 -7.33 -9.42
C PRO B 293 2.98 -7.77 -10.11
N SER B 294 1.89 -7.71 -9.36
CA SER B 294 0.58 -8.03 -9.87
C SER B 294 0.10 -6.86 -10.73
N ALA B 295 -1.00 -7.07 -11.47
CA ALA B 295 -1.58 -6.04 -12.32
C ALA B 295 -2.12 -4.88 -11.45
N ALA B 296 -2.69 -5.22 -10.27
CA ALA B 296 -3.21 -4.23 -9.33
C ALA B 296 -2.11 -3.41 -8.72
N ASP B 297 -0.90 -4.01 -8.49
CA ASP B 297 0.28 -3.35 -7.98
C ASP B 297 0.72 -2.27 -8.98
N VAL B 298 0.80 -2.64 -10.27
CA VAL B 298 1.19 -1.73 -11.34
C VAL B 298 0.26 -0.52 -11.42
N GLU B 299 -1.05 -0.76 -11.42
CA GLU B 299 -2.06 0.27 -11.53
C GLU B 299 -2.23 1.15 -10.28
N ASN B 300 -2.10 0.58 -9.05
CA ASN B 300 -2.38 1.27 -7.78
C ASN B 300 -1.21 1.60 -6.83
N ARG B 301 -0.02 1.00 -7.00
CA ARG B 301 1.05 1.20 -6.02
C ARG B 301 2.40 1.56 -6.62
N ILE B 302 2.65 1.12 -7.88
CA ILE B 302 3.92 1.36 -8.56
C ILE B 302 4.06 2.84 -9.00
N ILE B 303 5.31 3.30 -9.10
CA ILE B 303 5.68 4.64 -9.55
C ILE B 303 6.18 4.53 -10.99
N VAL B 304 5.59 5.32 -11.87
CA VAL B 304 6.02 5.37 -13.26
C VAL B 304 6.78 6.71 -13.49
N PRO B 305 7.95 6.70 -14.17
CA PRO B 305 8.72 7.94 -14.34
C PRO B 305 8.07 9.02 -15.18
N ASP B 306 8.47 10.31 -14.90
CA ASP B 306 8.11 11.51 -15.65
C ASP B 306 9.36 11.83 -16.47
N ALA B 307 9.47 11.19 -17.66
CA ALA B 307 10.62 11.34 -18.58
C ALA B 307 11.04 12.80 -18.84
N GLN B 308 10.07 13.71 -19.02
CA GLN B 308 10.31 15.12 -19.30
C GLN B 308 11.12 15.80 -18.24
N TRP B 309 10.71 15.59 -16.97
CA TRP B 309 11.33 16.19 -15.82
C TRP B 309 12.74 15.66 -15.61
N ILE B 310 12.93 14.33 -15.69
CA ILE B 310 14.21 13.69 -15.47
C ILE B 310 15.26 14.18 -16.45
N ASN B 311 14.94 14.21 -17.76
CA ASN B 311 15.87 14.68 -18.80
C ASN B 311 16.29 16.12 -18.60
N ALA B 312 15.33 17.00 -18.27
CA ALA B 312 15.63 18.41 -18.08
C ALA B 312 16.36 18.66 -16.76
N ASN B 313 16.10 17.82 -15.72
CA ASN B 313 16.74 18.03 -14.42
C ASN B 313 17.91 17.09 -14.13
N MET B 314 18.33 16.27 -15.14
CA MET B 314 19.44 15.31 -15.06
C MET B 314 20.79 15.89 -14.56
N GLY B 315 21.28 16.96 -15.23
CA GLY B 315 22.51 17.66 -14.90
C GLY B 315 22.53 18.16 -13.47
N MET B 316 21.48 18.93 -13.08
CA MET B 316 21.28 19.48 -11.75
C MET B 316 21.37 18.39 -10.69
N LEU B 317 20.67 17.24 -10.93
CA LEU B 317 20.59 16.08 -10.03
C LEU B 317 21.95 15.45 -9.73
N VAL B 318 22.69 15.09 -10.78
CA VAL B 318 24.06 14.51 -10.71
C VAL B 318 25.01 15.47 -9.95
N GLN B 319 24.95 16.78 -10.27
CA GLN B 319 25.74 17.82 -9.61
C GLN B 319 25.42 17.82 -8.09
N ARG B 320 24.14 18.03 -7.75
CA ARG B 320 23.63 18.05 -6.39
C ARG B 320 23.90 16.78 -5.61
N TRP B 321 23.87 15.61 -6.28
CA TRP B 321 24.10 14.32 -5.65
C TRP B 321 25.56 14.11 -5.27
N ASN B 322 26.48 14.31 -6.25
CA ASN B 322 27.93 14.15 -6.07
C ASN B 322 28.46 15.08 -4.98
N SER B 323 27.92 16.32 -4.91
CA SER B 323 28.25 17.37 -3.94
C SER B 323 27.73 17.02 -2.56
N TRP B 324 26.56 16.33 -2.49
CA TRP B 324 25.89 15.91 -1.25
C TRP B 324 26.62 14.76 -0.55
N ILE B 325 26.95 13.68 -1.31
CA ILE B 325 27.69 12.50 -0.83
C ILE B 325 29.15 12.85 -0.43
N ARG B 326 29.65 14.05 -0.88
CA ARG B 326 30.95 14.73 -0.68
C ARG B 326 32.12 13.79 -0.43
C ACT C . 5.59 -11.57 5.10
O ACT C . 4.96 -11.49 6.21
OXT ACT C . 5.07 -11.52 3.95
CH3 ACT C . 7.13 -11.75 5.16
C1 EDO D . 0.48 15.99 0.76
O1 EDO D . -0.44 16.03 -0.32
C2 EDO D . -0.15 15.25 1.98
O2 EDO D . 0.66 15.46 3.12
#